data_5J50
#
_entry.id   5J50
#
_cell.length_a   58.530
_cell.length_b   81.650
_cell.length_c   66.890
_cell.angle_alpha   90.00
_cell.angle_beta   100.00
_cell.angle_gamma   90.00
#
_symmetry.space_group_name_H-M   'P 1 21 1'
#
loop_
_entity.id
_entity.type
_entity.pdbx_description
1 polymer 'Agglutinin alpha chain'
2 polymer 'Agglutinin beta-3 chain'
3 branched beta-D-galactopyranose-(1-3)-2-acetamido-2-deoxy-alpha-D-galactopyranose
4 non-polymer 1,2-ETHANEDIOL
5 non-polymer P-NITROPHENOL
6 non-polymer DI(HYDROXYETHYL)ETHER
7 water water
#
loop_
_entity_poly.entity_id
_entity_poly.type
_entity_poly.pdbx_seq_one_letter_code
_entity_poly.pdbx_strand_id
1 'polypeptide(L)'
;GKAFDDGAFTGIREINLSYNKETAIGDFQVVYDLNGSPYVGQNHKSFITGFTPVKISLDFPSEYIMEVSGYTGNVSGYVV
VRSLTFKTNKKTYGPYGVTSGTPFNLPIENGLIVGFKGSIGYWLDYFSMYLSL
;
A,C,E,G
2 'polypeptide(L)' EQSGISQTVIVGPWGAKVS B,D,F,H
#
loop_
_chem_comp.id
_chem_comp.type
_chem_comp.name
_chem_comp.formula
A2G D-saccharide, alpha linking 2-acetamido-2-deoxy-alpha-D-galactopyranose 'C8 H15 N O6'
EDO non-polymer 1,2-ETHANEDIOL 'C2 H6 O2'
GAL D-saccharide, beta linking beta-D-galactopyranose 'C6 H12 O6'
NPO non-polymer P-NITROPHENOL 'C6 H5 N O3'
PEG non-polymer DI(HYDROXYETHYL)ETHER 'C4 H10 O3'
#
# COMPACT_ATOMS: atom_id res chain seq x y z
N GLY A 1 -5.10 16.84 27.12
CA GLY A 1 -6.03 15.67 27.16
C GLY A 1 -5.30 14.33 27.14
N LYS A 2 -6.06 13.24 27.15
CA LYS A 2 -5.49 11.92 27.17
C LYS A 2 -5.45 11.46 25.70
N ALA A 3 -4.22 11.25 25.24
CA ALA A 3 -3.90 10.73 23.93
C ALA A 3 -4.44 9.32 23.71
N PHE A 4 -4.90 9.01 22.49
CA PHE A 4 -5.31 7.66 22.10
C PHE A 4 -4.89 7.28 20.70
N ASP A 5 -4.74 5.99 20.44
CA ASP A 5 -4.42 5.50 19.10
C ASP A 5 -4.92 4.06 18.93
N ASP A 6 -6.01 3.91 18.17
CA ASP A 6 -6.57 2.61 17.88
C ASP A 6 -5.66 1.70 17.04
N GLY A 7 -4.81 2.25 16.18
CA GLY A 7 -4.14 1.46 15.16
C GLY A 7 -4.99 1.26 13.90
N ALA A 8 -4.53 0.32 13.05
CA ALA A 8 -5.23 -0.01 11.81
C ALA A 8 -6.00 -1.32 11.85
N PHE A 9 -7.14 -1.34 11.15
CA PHE A 9 -8.01 -2.49 11.07
C PHE A 9 -8.38 -2.71 9.61
N THR A 10 -9.36 -3.58 9.33
CA THR A 10 -9.85 -3.89 7.92
C THR A 10 -10.86 -2.90 7.37
N GLY A 11 -11.56 -2.20 8.25
CA GLY A 11 -12.61 -1.24 7.87
C GLY A 11 -13.45 -0.79 9.07
N ILE A 12 -14.61 -0.18 8.81
CA ILE A 12 -15.44 0.37 9.91
C ILE A 12 -16.82 -0.23 9.87
N ARG A 13 -17.28 -0.71 11.01
CA ARG A 13 -18.67 -1.26 11.12
C ARG A 13 -19.61 -0.25 11.78
N GLU A 14 -19.09 0.52 12.75
CA GLU A 14 -19.90 1.41 13.59
C GLU A 14 -19.08 2.57 14.28
N ILE A 15 -19.64 3.77 14.37
CA ILE A 15 -18.99 4.76 15.19
C ILE A 15 -19.95 5.20 16.28
N ASN A 16 -19.49 5.08 17.52
CA ASN A 16 -20.21 5.59 18.65
C ASN A 16 -19.57 6.83 19.14
N LEU A 17 -20.25 7.98 19.01
CA LEU A 17 -19.68 9.24 19.52
C LEU A 17 -20.68 10.01 20.41
N SER A 18 -20.22 11.05 21.07
CA SER A 18 -21.19 11.79 21.86
C SER A 18 -20.86 13.25 21.65
N TYR A 19 -21.83 14.13 21.94
CA TYR A 19 -21.56 15.56 21.82
C TYR A 19 -22.50 16.36 22.69
N ASN A 20 -22.24 17.65 22.79
CA ASN A 20 -23.19 18.59 23.39
C ASN A 20 -23.36 19.82 22.52
N LYS A 21 -24.60 20.29 22.33
CA LYS A 21 -24.91 21.33 21.30
C LYS A 21 -24.43 22.73 21.71
N GLU A 22 -23.83 22.85 22.89
CA GLU A 22 -23.26 24.14 23.40
C GLU A 22 -21.76 24.18 23.30
N THR A 23 -21.14 23.00 23.24
CA THR A 23 -19.71 22.87 23.39
C THR A 23 -19.17 22.15 22.15
N ALA A 24 -19.05 20.82 22.17
CA ALA A 24 -18.23 20.09 21.20
C ALA A 24 -18.37 18.58 21.37
N ILE A 25 -17.64 17.84 20.54
CA ILE A 25 -17.67 16.40 20.57
C ILE A 25 -17.07 16.02 21.90
N GLY A 26 -17.67 15.02 22.55
CA GLY A 26 -17.15 14.50 23.78
C GLY A 26 -16.49 13.13 23.71
N ASP A 27 -17.24 12.07 23.50
CA ASP A 27 -16.59 10.74 23.49
C ASP A 27 -16.50 10.23 22.06
N PHE A 28 -15.66 9.24 21.83
CA PHE A 28 -15.48 8.70 20.48
C PHE A 28 -15.13 7.25 20.58
N GLN A 29 -15.80 6.37 19.84
CA GLN A 29 -15.47 4.96 20.01
C GLN A 29 -15.85 4.20 18.75
N VAL A 30 -15.01 3.31 18.31
CA VAL A 30 -15.26 2.67 17.05
C VAL A 30 -15.37 1.15 17.08
N VAL A 31 -16.37 0.61 16.38
CA VAL A 31 -16.37 -0.86 16.17
C VAL A 31 -15.73 -1.07 14.81
N TYR A 32 -14.46 -1.51 14.80
CA TYR A 32 -13.82 -1.89 13.54
C TYR A 32 -14.25 -3.23 13.00
N ASP A 33 -13.93 -3.46 11.72
CA ASP A 33 -13.79 -4.81 11.16
C ASP A 33 -12.35 -5.30 11.22
N LEU A 34 -12.16 -6.58 11.53
CA LEU A 34 -10.86 -7.19 11.49
C LEU A 34 -11.04 -8.50 10.76
N ASN A 35 -10.76 -8.46 9.46
CA ASN A 35 -10.76 -9.69 8.66
C ASN A 35 -12.15 -10.29 8.77
N GLY A 36 -13.15 -9.45 8.52
CA GLY A 36 -14.52 -9.99 8.42
C GLY A 36 -15.15 -10.25 9.75
N SER A 37 -14.52 -9.80 10.86
CA SER A 37 -15.07 -9.96 12.19
C SER A 37 -15.04 -8.66 12.93
N PRO A 38 -16.13 -8.32 13.65
CA PRO A 38 -16.11 -7.08 14.47
C PRO A 38 -15.03 -7.06 15.52
N TYR A 39 -14.45 -5.89 15.71
CA TYR A 39 -13.49 -5.63 16.77
C TYR A 39 -13.91 -4.35 17.47
N VAL A 40 -14.19 -4.44 18.77
CA VAL A 40 -14.65 -3.32 19.54
C VAL A 40 -13.42 -2.48 19.97
N GLY A 41 -13.27 -1.27 19.47
CA GLY A 41 -12.20 -0.40 19.94
C GLY A 41 -12.47 0.10 21.35
N GLN A 42 -11.42 0.62 21.96
CA GLN A 42 -11.53 1.28 23.27
C GLN A 42 -12.50 2.45 23.19
N ASN A 43 -13.26 2.66 24.25
CA ASN A 43 -14.05 3.86 24.34
C ASN A 43 -13.19 5.07 24.84
N HIS A 44 -13.05 6.12 24.02
CA HIS A 44 -12.25 7.26 24.44
C HIS A 44 -13.21 8.24 25.08
N LYS A 45 -13.17 8.37 26.41
CA LYS A 45 -14.24 9.09 27.12
C LYS A 45 -13.75 10.45 27.56
N SER A 46 -14.59 11.50 27.34
CA SER A 46 -14.23 12.81 27.92
C SER A 46 -13.95 12.75 29.45
N PHE A 47 -13.25 13.74 30.00
CA PHE A 47 -13.01 13.80 31.47
C PHE A 47 -14.32 14.03 32.16
N ILE A 48 -15.25 14.70 31.48
CA ILE A 48 -16.53 15.00 32.05
C ILE A 48 -17.64 14.18 31.38
N THR A 49 -18.84 14.19 31.93
CA THR A 49 -19.90 13.39 31.33
C THR A 49 -21.09 14.33 31.07
N GLY A 50 -22.11 13.81 30.40
CA GLY A 50 -23.35 14.54 30.17
C GLY A 50 -23.67 14.71 28.69
N PHE A 51 -22.81 14.23 27.81
CA PHE A 51 -23.03 14.40 26.36
C PHE A 51 -24.17 13.53 25.86
N THR A 52 -24.72 13.86 24.69
CA THR A 52 -25.80 13.14 24.03
C THR A 52 -25.14 12.01 23.18
N PRO A 53 -25.38 10.73 23.50
CA PRO A 53 -24.82 9.64 22.69
C PRO A 53 -25.38 9.58 21.26
N VAL A 54 -24.54 9.18 20.28
CA VAL A 54 -24.99 8.91 18.92
C VAL A 54 -24.42 7.59 18.45
N LYS A 55 -25.26 6.75 17.87
CA LYS A 55 -24.68 5.54 17.26
C LYS A 55 -24.79 5.57 15.71
N ILE A 56 -23.66 5.56 15.00
CA ILE A 56 -23.67 5.44 13.57
C ILE A 56 -23.38 3.96 13.23
N SER A 57 -24.39 3.21 12.80
CA SER A 57 -24.23 1.79 12.39
C SER A 57 -24.32 1.67 10.92
N LEU A 58 -23.20 1.30 10.30
CA LEU A 58 -23.05 1.21 8.81
C LEU A 58 -23.40 -0.17 8.32
N ASP A 59 -23.88 -0.22 7.11
CA ASP A 59 -24.14 -1.51 6.50
C ASP A 59 -22.82 -2.04 5.86
N PHE A 60 -21.88 -2.46 6.73
CA PHE A 60 -20.61 -3.03 6.35
C PHE A 60 -20.89 -4.37 5.67
N PRO A 61 -20.15 -4.74 4.60
CA PRO A 61 -19.09 -4.05 3.88
C PRO A 61 -19.51 -3.08 2.73
N SER A 62 -20.79 -3.05 2.34
CA SER A 62 -21.19 -2.26 1.15
C SER A 62 -21.18 -0.75 1.44
N GLU A 63 -21.52 -0.38 2.67
CA GLU A 63 -21.46 1.02 3.14
C GLU A 63 -20.11 1.42 3.73
N TYR A 64 -19.52 2.52 3.26
CA TYR A 64 -18.24 2.99 3.82
C TYR A 64 -18.18 4.53 3.78
N ILE A 65 -17.39 5.12 4.67
CA ILE A 65 -17.24 6.57 4.74
C ILE A 65 -16.51 7.07 3.50
N MET A 66 -17.06 8.12 2.90
CA MET A 66 -16.41 8.76 1.77
C MET A 66 -15.85 10.12 2.14
N GLU A 67 -16.40 10.74 3.19
CA GLU A 67 -15.92 12.02 3.64
C GLU A 67 -16.12 12.18 5.13
N VAL A 68 -15.13 12.80 5.80
CA VAL A 68 -15.31 13.16 7.19
C VAL A 68 -15.17 14.67 7.27
N SER A 69 -16.06 15.38 7.99
CA SER A 69 -15.86 16.82 8.05
C SER A 69 -16.31 17.35 9.41
N GLY A 70 -15.96 18.59 9.69
CA GLY A 70 -16.56 19.26 10.87
C GLY A 70 -15.93 20.61 11.09
N TYR A 71 -15.83 20.99 12.36
CA TYR A 71 -15.35 22.34 12.68
C TYR A 71 -14.38 22.31 13.84
N THR A 72 -13.33 23.10 13.80
CA THR A 72 -12.54 23.26 15.03
C THR A 72 -12.76 24.64 15.54
N GLY A 73 -12.76 24.78 16.85
CA GLY A 73 -13.11 26.07 17.42
C GLY A 73 -12.68 26.09 18.87
N ASN A 74 -12.75 27.28 19.48
CA ASN A 74 -12.31 27.45 20.87
C ASN A 74 -13.50 27.24 21.79
N VAL A 75 -13.30 26.38 22.82
CA VAL A 75 -14.25 26.19 23.94
C VAL A 75 -13.53 26.33 25.31
N SER A 76 -13.99 27.26 26.15
CA SER A 76 -13.29 27.58 27.42
C SER A 76 -11.76 27.79 27.27
N GLY A 77 -11.33 28.30 26.13
CA GLY A 77 -9.94 28.66 25.95
C GLY A 77 -9.14 27.54 25.29
N TYR A 78 -9.83 26.49 24.89
CA TYR A 78 -9.18 25.40 24.16
C TYR A 78 -9.64 25.26 22.73
N VAL A 79 -8.70 24.90 21.87
CA VAL A 79 -9.06 24.54 20.51
C VAL A 79 -9.48 23.10 20.56
N VAL A 80 -10.71 22.85 20.13
CA VAL A 80 -11.25 21.49 20.10
C VAL A 80 -12.04 21.16 18.86
N VAL A 81 -12.36 19.85 18.67
CA VAL A 81 -13.19 19.44 17.53
C VAL A 81 -14.62 19.69 17.96
N ARG A 82 -15.23 20.75 17.39
CA ARG A 82 -16.56 21.22 17.79
C ARG A 82 -17.73 20.49 17.11
N SER A 83 -17.50 19.93 15.92
CA SER A 83 -18.52 19.22 15.16
C SER A 83 -17.87 18.17 14.33
N LEU A 84 -18.63 17.13 14.02
CA LEU A 84 -18.25 16.11 13.02
C LEU A 84 -19.45 15.74 12.15
N THR A 85 -19.17 15.44 10.87
CA THR A 85 -20.10 14.92 9.93
C THR A 85 -19.45 13.73 9.24
N PHE A 86 -20.12 12.61 9.13
CA PHE A 86 -19.58 11.43 8.44
C PHE A 86 -20.48 11.19 7.25
N LYS A 87 -19.88 11.26 6.06
CA LYS A 87 -20.60 11.04 4.83
C LYS A 87 -20.18 9.71 4.22
N THR A 88 -21.11 8.73 4.14
CA THR A 88 -20.86 7.44 3.51
C THR A 88 -21.44 7.44 2.10
N ASN A 89 -21.29 6.34 1.40
CA ASN A 89 -21.81 6.27 0.02
C ASN A 89 -23.33 6.23 0.03
N LYS A 90 -23.91 6.06 1.21
CA LYS A 90 -25.35 5.83 1.29
C LYS A 90 -26.16 6.91 1.90
N LYS A 91 -25.57 7.66 2.80
CA LYS A 91 -26.23 8.76 3.44
C LYS A 91 -25.22 9.65 4.21
N THR A 92 -25.70 10.66 4.91
CA THR A 92 -24.87 11.49 5.74
C THR A 92 -25.31 11.33 7.22
N TYR A 93 -24.33 11.38 8.12
CA TYR A 93 -24.51 11.28 9.50
C TYR A 93 -23.99 12.57 10.11
N GLY A 94 -24.87 13.43 10.57
CA GLY A 94 -24.40 14.69 11.17
C GLY A 94 -25.02 15.88 10.46
N PRO A 95 -24.70 17.11 10.91
CA PRO A 95 -23.62 17.29 11.87
C PRO A 95 -24.00 16.98 13.28
N TYR A 96 -23.00 16.62 14.07
CA TYR A 96 -23.22 16.49 15.47
C TYR A 96 -22.34 17.55 16.08
N GLY A 97 -22.83 18.28 17.06
CA GLY A 97 -21.95 19.18 17.81
C GLY A 97 -22.34 20.59 17.43
N VAL A 98 -21.36 21.45 17.17
CA VAL A 98 -21.60 22.84 16.94
C VAL A 98 -20.76 23.17 15.70
N THR A 99 -21.40 23.81 14.71
CA THR A 99 -20.80 24.11 13.42
C THR A 99 -20.27 25.55 13.39
N SER A 100 -19.34 25.87 14.30
CA SER A 100 -18.79 27.23 14.42
C SER A 100 -17.30 27.14 14.51
N GLY A 101 -16.62 28.04 13.80
CA GLY A 101 -15.18 28.00 13.82
C GLY A 101 -14.70 27.81 12.42
N THR A 102 -13.70 26.95 12.31
CA THR A 102 -12.95 26.71 11.09
C THR A 102 -13.35 25.35 10.62
N PRO A 103 -13.88 25.29 9.41
CA PRO A 103 -14.25 24.05 8.75
C PRO A 103 -13.00 23.27 8.33
N PHE A 104 -13.16 21.96 8.26
CA PHE A 104 -12.19 21.05 7.67
C PHE A 104 -13.01 19.92 7.05
N ASN A 105 -12.42 19.31 6.04
CA ASN A 105 -12.95 18.11 5.43
C ASN A 105 -11.88 17.26 4.76
N LEU A 106 -12.08 15.95 4.86
CA LEU A 106 -11.29 14.94 4.18
C LEU A 106 -12.20 14.10 3.27
N PRO A 107 -12.26 14.51 1.99
CA PRO A 107 -12.92 13.64 1.08
C PRO A 107 -11.97 12.60 0.58
N ILE A 108 -12.46 11.37 0.43
CA ILE A 108 -11.67 10.29 -0.13
C ILE A 108 -12.19 9.81 -1.49
N GLU A 109 -11.35 9.89 -2.51
CA GLU A 109 -11.62 9.33 -3.82
C GLU A 109 -11.32 7.85 -3.94
N ASN A 110 -10.23 7.35 -3.37
CA ASN A 110 -9.87 5.96 -3.47
C ASN A 110 -9.16 5.59 -2.19
N GLY A 111 -9.68 4.62 -1.46
CA GLY A 111 -9.08 4.15 -0.21
C GLY A 111 -10.09 4.16 0.92
N LEU A 112 -9.66 3.73 2.12
CA LEU A 112 -10.57 3.51 3.28
C LEU A 112 -9.99 4.07 4.56
N ILE A 113 -10.81 4.74 5.39
CA ILE A 113 -10.40 5.03 6.73
C ILE A 113 -10.31 3.71 7.48
N VAL A 114 -9.21 3.41 8.14
CA VAL A 114 -9.17 2.12 8.85
C VAL A 114 -8.73 2.17 10.28
N GLY A 115 -8.75 3.39 10.82
CA GLY A 115 -8.33 3.66 12.19
C GLY A 115 -8.30 5.13 12.56
N PHE A 116 -8.40 5.40 13.86
CA PHE A 116 -8.46 6.77 14.35
C PHE A 116 -7.45 6.82 15.50
N LYS A 117 -7.01 8.04 15.80
CA LYS A 117 -6.12 8.35 16.89
C LYS A 117 -6.41 9.80 17.15
N GLY A 118 -5.94 10.27 18.31
CA GLY A 118 -6.23 11.63 18.69
C GLY A 118 -6.09 11.77 20.17
N SER A 119 -6.75 12.79 20.70
CA SER A 119 -6.73 13.09 22.11
C SER A 119 -8.05 13.67 22.62
N ILE A 120 -8.40 13.37 23.85
CA ILE A 120 -9.67 13.88 24.42
C ILE A 120 -9.41 14.32 25.85
N GLY A 121 -9.85 15.53 26.16
CA GLY A 121 -9.71 16.12 27.48
C GLY A 121 -11.15 16.28 27.91
N TYR A 122 -11.60 17.51 28.13
CA TYR A 122 -13.04 17.75 28.28
C TYR A 122 -13.80 17.51 26.98
N TRP A 123 -13.13 17.77 25.86
CA TRP A 123 -13.66 17.51 24.53
C TRP A 123 -12.61 16.86 23.66
N LEU A 124 -13.04 16.35 22.50
CA LEU A 124 -12.10 15.85 21.48
C LEU A 124 -11.18 17.01 21.05
N ASP A 125 -9.88 16.88 21.34
CA ASP A 125 -8.88 17.92 21.08
C ASP A 125 -8.55 17.95 19.58
N TYR A 126 -8.12 16.79 19.09
CA TYR A 126 -7.82 16.51 17.69
C TYR A 126 -7.98 15.00 17.40
N PHE A 127 -7.98 14.65 16.12
CA PHE A 127 -7.87 13.28 15.72
C PHE A 127 -7.16 13.24 14.36
N SER A 128 -6.63 12.06 14.04
CA SER A 128 -6.11 11.73 12.76
C SER A 128 -6.72 10.41 12.25
N MET A 129 -6.55 10.07 10.96
CA MET A 129 -7.13 8.83 10.47
C MET A 129 -6.13 8.01 9.68
N TYR A 130 -6.14 6.70 9.89
CA TYR A 130 -5.34 5.77 9.09
C TYR A 130 -6.09 5.50 7.81
N LEU A 131 -5.40 5.60 6.68
CA LEU A 131 -6.01 5.35 5.39
C LEU A 131 -5.32 4.18 4.73
N SER A 132 -6.11 3.36 4.05
CA SER A 132 -5.57 2.19 3.37
C SER A 132 -6.39 1.93 2.14
N LEU A 133 -5.79 1.23 1.17
CA LEU A 133 -6.50 0.62 0.05
C LEU A 133 -7.31 -0.65 0.50
N GLN B 2 15.07 -2.29 9.12
CA GLN B 2 13.57 -2.23 9.12
C GLN B 2 12.93 -2.53 10.53
N SER B 3 11.63 -2.43 10.64
CA SER B 3 10.96 -2.90 11.82
C SER B 3 10.06 -4.09 11.41
N GLY B 4 9.66 -4.92 12.38
CA GLY B 4 8.66 -5.96 12.18
C GLY B 4 7.20 -5.50 12.16
N ILE B 5 6.97 -4.17 12.21
CA ILE B 5 5.65 -3.57 12.38
C ILE B 5 5.28 -2.93 11.05
N SER B 6 4.17 -3.42 10.54
CA SER B 6 3.54 -2.92 9.36
C SER B 6 3.14 -1.43 9.47
N GLN B 7 3.12 -0.74 8.34
CA GLN B 7 2.92 0.71 8.33
C GLN B 7 1.73 1.05 7.47
N THR B 8 1.15 2.21 7.72
CA THR B 8 -0.05 2.66 7.06
C THR B 8 0.01 4.18 6.89
N VAL B 9 -0.47 4.72 5.77
CA VAL B 9 -0.76 6.16 5.63
C VAL B 9 -1.66 6.71 6.77
N ILE B 10 -1.24 7.84 7.37
CA ILE B 10 -2.06 8.57 8.39
C ILE B 10 -2.22 10.03 7.95
N VAL B 11 -3.46 10.49 7.88
CA VAL B 11 -3.68 11.91 7.64
C VAL B 11 -4.26 12.60 8.88
N GLY B 12 -3.98 13.90 9.01
CA GLY B 12 -4.34 14.63 10.22
C GLY B 12 -3.10 15.13 10.94
N PRO B 13 -3.27 15.70 12.12
CA PRO B 13 -4.50 15.84 12.93
C PRO B 13 -5.30 17.08 12.53
N TRP B 14 -6.62 17.03 12.68
CA TRP B 14 -7.47 18.19 12.72
C TRP B 14 -7.86 18.45 14.16
N GLY B 15 -7.86 19.72 14.57
CA GLY B 15 -8.24 20.15 15.93
C GLY B 15 -7.12 20.94 16.55
N ALA B 16 -6.90 20.77 17.85
CA ALA B 16 -5.77 21.41 18.49
C ALA B 16 -4.42 20.98 17.87
N LYS B 17 -3.78 21.98 17.27
CA LYS B 17 -2.49 21.84 16.64
C LYS B 17 -1.42 21.83 17.77
N GLY C 1 -13.55 23.12 -16.89
CA GLY C 1 -12.07 23.13 -17.14
C GLY C 1 -11.56 21.95 -17.91
N LYS C 2 -10.27 21.96 -18.25
CA LYS C 2 -9.66 20.74 -18.81
C LYS C 2 -9.19 19.81 -17.64
N ALA C 3 -9.91 18.73 -17.39
CA ALA C 3 -9.37 17.67 -16.55
C ALA C 3 -7.88 17.35 -16.91
N PHE C 4 -7.05 17.23 -15.86
CA PHE C 4 -5.67 16.71 -15.91
C PHE C 4 -5.51 15.67 -14.78
N ASP C 5 -4.62 14.71 -15.01
CA ASP C 5 -4.28 13.67 -14.03
C ASP C 5 -2.83 13.29 -14.23
N ASP C 6 -1.94 13.69 -13.34
CA ASP C 6 -0.53 13.33 -13.52
C ASP C 6 -0.26 11.85 -13.27
N GLY C 7 -1.09 11.26 -12.40
CA GLY C 7 -0.88 9.92 -11.82
C GLY C 7 0.13 9.95 -10.71
N ALA C 8 0.74 8.79 -10.46
CA ALA C 8 1.46 8.60 -9.23
C ALA C 8 2.95 8.44 -9.53
N PHE C 9 3.79 9.03 -8.68
CA PHE C 9 5.24 9.01 -8.91
C PHE C 9 5.95 8.57 -7.65
N THR C 10 7.25 8.86 -7.53
CA THR C 10 8.10 8.43 -6.38
C THR C 10 8.15 9.54 -5.33
N GLY C 11 7.89 10.80 -5.73
CA GLY C 11 7.86 11.97 -4.80
C GLY C 11 7.84 13.25 -5.62
N ILE C 12 8.11 14.40 -5.00
CA ILE C 12 7.94 15.73 -5.62
C ILE C 12 9.25 16.50 -5.51
N ARG C 13 9.74 16.96 -6.64
CA ARG C 13 10.94 17.77 -6.66
C ARG C 13 10.60 19.27 -6.66
N GLU C 14 9.55 19.64 -7.39
CA GLU C 14 9.30 21.06 -7.61
C GLU C 14 7.86 21.31 -7.96
N ILE C 15 7.35 22.47 -7.55
CA ILE C 15 6.00 22.86 -7.95
C ILE C 15 6.08 24.19 -8.62
N ASN C 16 5.51 24.28 -9.80
CA ASN C 16 5.34 25.56 -10.47
C ASN C 16 3.86 25.84 -10.60
N LEU C 17 3.46 26.98 -10.03
CA LEU C 17 2.07 27.43 -10.00
C LEU C 17 2.12 28.96 -10.20
N SER C 18 1.02 29.54 -10.65
CA SER C 18 0.85 30.95 -10.73
C SER C 18 -0.51 31.29 -10.07
N TYR C 19 -0.72 32.59 -9.77
CA TYR C 19 -1.87 33.01 -9.00
C TYR C 19 -2.26 34.46 -9.35
N ASN C 20 -3.45 34.88 -8.95
CA ASN C 20 -3.80 36.32 -9.08
C ASN C 20 -4.38 36.83 -7.74
N LYS C 21 -3.85 37.96 -7.26
CA LYS C 21 -4.23 38.59 -6.00
C LYS C 21 -5.73 38.79 -5.91
N GLU C 22 -6.40 38.96 -7.07
CA GLU C 22 -7.82 39.32 -7.10
C GLU C 22 -8.77 38.17 -7.30
N THR C 23 -8.27 37.04 -7.79
CA THR C 23 -9.08 35.90 -8.21
C THR C 23 -8.60 34.57 -7.60
N ALA C 24 -7.65 33.88 -8.23
CA ALA C 24 -7.39 32.53 -7.80
C ALA C 24 -6.08 31.95 -8.33
N ILE C 25 -5.82 30.71 -7.96
CA ILE C 25 -4.75 29.95 -8.57
C ILE C 25 -5.06 29.76 -10.07
N GLY C 26 -4.04 29.92 -10.91
CA GLY C 26 -4.21 29.75 -12.32
C GLY C 26 -3.48 28.52 -12.78
N ASP C 27 -2.21 28.65 -13.15
CA ASP C 27 -1.48 27.50 -13.69
C ASP C 27 -0.99 26.59 -12.56
N PHE C 28 -0.72 25.32 -12.92
CA PHE C 28 -0.17 24.30 -12.04
C PHE C 28 0.62 23.29 -12.87
N GLN C 29 1.85 23.06 -12.45
CA GLN C 29 2.78 22.11 -13.01
C GLN C 29 3.71 21.57 -11.89
N VAL C 30 4.00 20.26 -11.98
CA VAL C 30 4.88 19.63 -10.98
C VAL C 30 6.05 18.92 -11.65
N VAL C 31 7.24 19.09 -11.05
CA VAL C 31 8.37 18.24 -11.38
C VAL C 31 8.41 17.20 -10.30
N TYR C 32 7.94 16.01 -10.64
CA TYR C 32 8.00 14.81 -9.77
C TYR C 32 9.38 14.14 -9.74
N ASP C 33 9.59 13.26 -8.77
CA ASP C 33 10.66 12.28 -8.87
C ASP C 33 10.17 10.96 -9.37
N LEU C 34 10.91 10.31 -10.26
CA LEU C 34 10.48 9.01 -10.72
C LEU C 34 11.69 8.08 -10.65
N ASN C 35 11.76 7.32 -9.55
CA ASN C 35 12.81 6.37 -9.28
C ASN C 35 14.22 7.03 -9.27
N GLY C 36 14.31 8.20 -8.65
CA GLY C 36 15.53 9.00 -8.70
C GLY C 36 15.71 9.97 -9.87
N SER C 37 14.77 10.05 -10.81
CA SER C 37 14.94 11.00 -11.91
C SER C 37 13.94 12.10 -11.87
N PRO C 38 14.34 13.35 -12.14
CA PRO C 38 13.28 14.38 -12.29
C PRO C 38 12.30 13.98 -13.39
N TYR C 39 11.00 13.96 -13.08
CA TYR C 39 10.03 13.75 -14.11
C TYR C 39 9.29 15.04 -14.35
N VAL C 40 9.45 15.62 -15.54
CA VAL C 40 8.86 16.96 -15.76
C VAL C 40 7.37 16.76 -16.10
N GLY C 41 6.47 17.13 -15.19
CA GLY C 41 5.02 16.95 -15.45
C GLY C 41 4.53 17.97 -16.45
N GLN C 42 3.45 17.62 -17.15
CA GLN C 42 2.84 18.50 -18.14
C GLN C 42 2.37 19.78 -17.40
N ASN C 43 2.61 20.93 -18.03
CA ASN C 43 2.21 22.23 -17.49
C ASN C 43 0.72 22.30 -17.74
N HIS C 44 -0.08 22.44 -16.69
CA HIS C 44 -1.50 22.53 -16.91
C HIS C 44 -1.77 23.97 -16.73
N LYS C 45 -2.09 24.66 -17.85
CA LYS C 45 -2.28 26.12 -17.90
C LYS C 45 -3.73 26.67 -17.81
N SER C 46 -3.90 27.82 -17.17
CA SER C 46 -5.19 28.49 -17.25
C SER C 46 -5.56 28.82 -18.70
N PHE C 47 -6.86 29.01 -18.99
CA PHE C 47 -7.28 29.50 -20.30
C PHE C 47 -6.94 30.98 -20.52
N ILE C 48 -6.59 31.70 -19.45
CA ILE C 48 -6.33 33.14 -19.54
C ILE C 48 -4.94 33.55 -19.03
N THR C 49 -4.54 34.80 -19.16
CA THR C 49 -3.20 35.19 -18.72
C THR C 49 -3.34 36.12 -17.54
N GLY C 50 -2.26 36.76 -17.10
CA GLY C 50 -2.38 37.76 -16.00
C GLY C 50 -1.88 37.31 -14.63
N PHE C 51 -1.40 36.07 -14.52
CA PHE C 51 -0.98 35.53 -13.24
C PHE C 51 0.51 35.75 -12.80
N THR C 52 0.80 35.64 -11.52
CA THR C 52 2.17 35.79 -11.01
C THR C 52 2.70 34.40 -10.82
N PRO C 53 3.79 34.06 -11.56
CA PRO C 53 4.38 32.71 -11.46
C PRO C 53 5.04 32.49 -10.09
N VAL C 54 4.91 31.32 -9.49
CA VAL C 54 5.77 30.99 -8.35
C VAL C 54 6.47 29.65 -8.54
N LYS C 55 7.72 29.58 -8.09
CA LYS C 55 8.47 28.32 -8.19
C LYS C 55 8.82 27.83 -6.80
N ILE C 56 8.38 26.63 -6.46
CA ILE C 56 8.64 25.99 -5.18
C ILE C 56 9.63 24.83 -5.43
N SER C 57 10.94 25.08 -5.23
CA SER C 57 11.95 24.03 -5.47
C SER C 57 12.31 23.35 -4.15
N LEU C 58 12.03 22.06 -4.04
CA LEU C 58 12.30 21.32 -2.82
C LEU C 58 13.72 20.72 -2.80
N ASP C 59 14.34 20.69 -1.62
CA ASP C 59 15.51 19.86 -1.41
C ASP C 59 15.25 18.33 -1.38
N PHE C 60 14.72 17.77 -2.47
CA PHE C 60 14.47 16.33 -2.55
C PHE C 60 15.79 15.58 -2.37
N PRO C 61 15.79 14.43 -1.61
CA PRO C 61 14.60 13.85 -0.95
C PRO C 61 14.44 14.17 0.55
N SER C 62 15.32 15.02 1.05
CA SER C 62 15.37 15.36 2.49
C SER C 62 14.17 16.23 2.89
N GLU C 63 13.76 17.13 2.02
CA GLU C 63 12.63 18.02 2.25
C GLU C 63 11.35 17.52 1.50
N TYR C 64 10.22 17.51 2.19
CA TYR C 64 8.99 16.92 1.66
C TYR C 64 7.77 17.60 2.27
N ILE C 65 6.68 17.71 1.51
CA ILE C 65 5.45 18.40 1.95
C ILE C 65 4.77 17.61 3.12
N MET C 66 4.43 18.33 4.17
CA MET C 66 3.75 17.73 5.34
C MET C 66 2.30 18.15 5.46
N GLU C 67 1.92 19.22 4.76
CA GLU C 67 0.56 19.78 4.79
C GLU C 67 0.32 20.61 3.52
N VAL C 68 -0.76 20.27 2.84
CA VAL C 68 -1.30 21.14 1.78
C VAL C 68 -2.51 21.83 2.36
N SER C 69 -2.57 23.14 2.23
CA SER C 69 -3.80 23.85 2.58
C SER C 69 -4.17 25.02 1.66
N GLY C 70 -5.36 25.57 1.86
CA GLY C 70 -5.90 26.65 1.05
C GLY C 70 -7.34 27.07 1.33
N TYR C 71 -7.93 27.76 0.34
CA TYR C 71 -9.28 28.19 0.38
C TYR C 71 -9.87 27.86 -0.99
N THR C 72 -11.13 27.46 -0.97
CA THR C 72 -11.93 27.42 -2.17
C THR C 72 -13.02 28.47 -1.95
N GLY C 73 -13.58 28.97 -3.05
CA GLY C 73 -14.68 29.97 -3.02
C GLY C 73 -15.06 30.41 -4.44
N ASN C 74 -16.13 31.20 -4.58
CA ASN C 74 -16.66 31.68 -5.88
C ASN C 74 -15.83 32.76 -6.65
N VAL C 75 -15.67 32.52 -7.94
CA VAL C 75 -15.01 33.50 -8.83
C VAL C 75 -15.78 33.51 -10.16
N SER C 76 -16.45 34.63 -10.42
CA SER C 76 -17.20 34.84 -11.61
C SER C 76 -18.14 33.71 -12.08
N GLY C 77 -19.07 33.10 -11.36
CA GLY C 77 -19.05 32.62 -10.02
C GLY C 77 -19.02 31.08 -10.26
N TYR C 78 -17.80 30.58 -10.31
CA TYR C 78 -17.49 29.18 -10.38
C TYR C 78 -16.81 28.89 -9.06
N VAL C 79 -17.10 27.74 -8.45
CA VAL C 79 -16.36 27.31 -7.27
C VAL C 79 -14.96 26.90 -7.77
N VAL C 80 -13.93 27.63 -7.32
CA VAL C 80 -12.56 27.35 -7.70
C VAL C 80 -11.61 27.33 -6.47
N VAL C 81 -10.34 26.93 -6.68
CA VAL C 81 -9.32 26.97 -5.65
C VAL C 81 -8.67 28.35 -5.67
N ARG C 82 -9.06 29.21 -4.74
CA ARG C 82 -8.54 30.59 -4.65
C ARG C 82 -7.11 30.72 -4.12
N SER C 83 -6.71 29.74 -3.30
CA SER C 83 -5.51 29.84 -2.43
C SER C 83 -4.84 28.53 -2.14
N LEU C 84 -3.50 28.52 -2.09
CA LEU C 84 -2.70 27.32 -1.77
C LEU C 84 -1.57 27.71 -0.84
N THR C 85 -1.26 26.83 0.11
CA THR C 85 -0.03 26.92 0.90
C THR C 85 0.54 25.49 1.00
N PHE C 86 1.87 25.35 0.90
CA PHE C 86 2.56 24.06 0.96
C PHE C 86 3.53 24.16 2.10
N LYS C 87 3.34 23.35 3.13
CA LYS C 87 4.25 23.35 4.21
C LYS C 87 5.03 22.08 4.18
N THR C 88 6.34 22.20 4.30
CA THR C 88 7.22 21.05 4.22
C THR C 88 7.92 20.93 5.62
N ASN C 89 8.82 19.94 5.79
CA ASN C 89 9.51 19.80 7.08
C ASN C 89 10.58 20.84 7.12
N LYS C 90 10.84 21.51 6.01
CA LYS C 90 11.78 22.62 6.15
C LYS C 90 11.08 23.98 6.25
N LYS C 91 10.09 24.27 5.41
CA LYS C 91 9.45 25.58 5.45
C LYS C 91 8.02 25.64 4.92
N THR C 92 7.48 26.86 4.85
CA THR C 92 6.13 27.12 4.40
C THR C 92 6.17 27.98 3.17
N TYR C 93 5.63 27.45 2.08
CA TYR C 93 5.60 28.20 0.86
C TYR C 93 4.18 28.65 0.66
N GLY C 94 3.97 29.97 0.71
CA GLY C 94 2.63 30.59 0.53
C GLY C 94 2.20 31.33 1.80
N PRO C 95 0.94 31.80 1.86
CA PRO C 95 -0.13 31.47 0.91
C PRO C 95 0.07 32.17 -0.42
N TYR C 96 -0.38 31.53 -1.48
CA TYR C 96 -0.40 32.14 -2.78
C TYR C 96 -1.84 32.17 -3.13
N GLY C 97 -2.33 33.31 -3.64
CA GLY C 97 -3.74 33.46 -4.09
C GLY C 97 -4.53 34.34 -3.12
N VAL C 98 -5.85 34.26 -3.15
CA VAL C 98 -6.68 35.00 -2.22
C VAL C 98 -7.06 34.08 -1.04
N THR C 99 -6.77 34.52 0.17
CA THR C 99 -7.08 33.70 1.33
C THR C 99 -8.46 34.08 1.84
N SER C 100 -9.52 33.87 1.04
CA SER C 100 -10.95 34.13 1.39
C SER C 100 -11.80 32.91 0.93
N GLY C 101 -12.96 32.67 1.57
CA GLY C 101 -13.84 31.55 1.20
C GLY C 101 -13.88 30.46 2.29
N THR C 102 -13.95 29.20 1.86
CA THR C 102 -13.96 28.04 2.78
C THR C 102 -12.55 27.50 2.86
N PRO C 103 -11.90 27.60 4.05
CA PRO C 103 -10.55 26.99 4.26
C PRO C 103 -10.60 25.44 4.15
N PHE C 104 -9.52 24.85 3.62
CA PHE C 104 -9.29 23.38 3.74
C PHE C 104 -7.83 23.14 4.12
N ASN C 105 -7.58 21.98 4.73
CA ASN C 105 -6.22 21.48 4.92
C ASN C 105 -6.11 19.95 4.96
N LEU C 106 -5.04 19.47 4.34
CA LEU C 106 -4.59 18.10 4.45
C LEU C 106 -3.23 17.99 5.11
N PRO C 107 -3.23 17.64 6.39
CA PRO C 107 -1.90 17.42 6.96
C PRO C 107 -1.65 15.94 6.94
N ILE C 108 -0.38 15.54 6.88
CA ILE C 108 -0.06 14.11 6.72
C ILE C 108 0.80 13.75 7.88
N GLU C 109 0.42 12.76 8.68
CA GLU C 109 1.36 12.30 9.71
C GLU C 109 2.34 11.23 9.17
N ASN C 110 1.84 10.37 8.27
CA ASN C 110 2.65 9.32 7.67
C ASN C 110 2.29 9.05 6.24
N GLY C 111 3.25 9.15 5.33
CA GLY C 111 2.85 9.12 3.94
C GLY C 111 3.43 10.31 3.19
N LEU C 112 3.29 10.28 1.85
CA LEU C 112 3.92 11.25 0.94
C LEU C 112 2.89 11.53 -0.12
N ILE C 113 2.81 12.78 -0.55
CA ILE C 113 2.06 13.14 -1.74
C ILE C 113 2.90 12.69 -2.94
N VAL C 114 2.32 11.91 -3.82
CA VAL C 114 3.05 11.38 -4.97
C VAL C 114 2.39 11.71 -6.33
N GLY C 115 1.35 12.51 -6.36
CA GLY C 115 0.70 12.90 -7.64
C GLY C 115 -0.35 13.96 -7.42
N PHE C 116 -0.65 14.71 -8.45
CA PHE C 116 -1.82 15.60 -8.44
C PHE C 116 -2.73 15.28 -9.62
N LYS C 117 -4.00 15.53 -9.42
CA LYS C 117 -4.93 15.49 -10.51
C LYS C 117 -5.99 16.57 -10.15
N GLY C 118 -6.81 16.94 -11.13
CA GLY C 118 -7.71 18.10 -10.98
C GLY C 118 -8.24 18.55 -12.33
N SER C 119 -8.54 19.83 -12.42
CA SER C 119 -9.10 20.44 -13.57
C SER C 119 -8.81 21.93 -13.52
N ILE C 120 -8.44 22.49 -14.66
CA ILE C 120 -8.24 23.96 -14.74
C ILE C 120 -8.95 24.57 -15.95
N GLY C 121 -9.60 25.72 -15.74
CA GLY C 121 -10.28 26.48 -16.80
C GLY C 121 -9.63 27.85 -16.74
N TYR C 122 -10.39 28.86 -16.38
CA TYR C 122 -9.78 30.16 -16.08
C TYR C 122 -8.89 30.04 -14.86
N TRP C 123 -9.32 29.15 -13.98
CA TRP C 123 -8.74 28.96 -12.65
C TRP C 123 -8.80 27.52 -12.35
N LEU C 124 -7.99 27.17 -11.33
CA LEU C 124 -7.90 25.79 -10.85
C LEU C 124 -9.28 25.48 -10.22
N ASP C 125 -10.02 24.58 -10.84
CA ASP C 125 -11.37 24.26 -10.39
C ASP C 125 -11.33 23.36 -9.13
N TYR C 126 -10.53 22.30 -9.15
CA TYR C 126 -10.47 21.38 -8.00
C TYR C 126 -9.21 20.60 -8.16
N PHE C 127 -8.77 19.96 -7.07
CA PHE C 127 -7.67 19.02 -7.23
C PHE C 127 -7.78 17.92 -6.21
N SER C 128 -7.07 16.83 -6.48
CA SER C 128 -6.90 15.72 -5.56
C SER C 128 -5.44 15.34 -5.53
N MET C 129 -5.07 14.59 -4.51
CA MET C 129 -3.70 14.17 -4.34
C MET C 129 -3.62 12.65 -4.17
N TYR C 130 -2.69 12.03 -4.90
CA TYR C 130 -2.27 10.65 -4.61
C TYR C 130 -1.39 10.64 -3.36
N LEU C 131 -1.67 9.67 -2.50
CA LEU C 131 -0.89 9.50 -1.28
C LEU C 131 -0.27 8.11 -1.25
N SER C 132 0.98 7.98 -0.83
CA SER C 132 1.58 6.67 -0.69
C SER C 132 2.52 6.61 0.50
N LEU C 133 2.80 5.40 0.99
CA LEU C 133 3.97 5.22 1.85
C LEU C 133 5.22 5.28 1.00
N GLN D 2 -9.83 -6.01 -10.62
CA GLN D 2 -8.88 -7.02 -11.19
C GLN D 2 -8.31 -6.58 -12.53
N SER D 3 -7.30 -5.70 -12.53
CA SER D 3 -6.66 -5.24 -13.80
C SER D 3 -5.19 -4.98 -13.55
N GLY D 4 -4.45 -4.70 -14.64
CA GLY D 4 -3.01 -4.41 -14.65
C GLY D 4 -2.55 -3.00 -14.28
N ILE D 5 -3.47 -2.10 -13.85
CA ILE D 5 -3.11 -0.70 -13.48
C ILE D 5 -3.00 -0.68 -11.97
N SER D 6 -1.80 -0.46 -11.47
CA SER D 6 -1.56 -0.26 -10.06
C SER D 6 -2.52 0.81 -9.42
N GLN D 7 -2.84 0.70 -8.13
CA GLN D 7 -3.67 1.79 -7.58
C GLN D 7 -3.04 2.39 -6.33
N THR D 8 -3.38 3.63 -6.02
CA THR D 8 -2.91 4.37 -4.80
C THR D 8 -4.13 5.02 -4.11
N VAL D 9 -4.01 5.24 -2.81
CA VAL D 9 -4.92 6.13 -2.09
C VAL D 9 -4.95 7.50 -2.76
N ILE D 10 -6.14 8.03 -2.94
CA ILE D 10 -6.32 9.39 -3.37
C ILE D 10 -7.31 10.13 -2.45
N VAL D 11 -6.86 11.26 -1.94
CA VAL D 11 -7.63 12.18 -1.12
C VAL D 11 -8.02 13.41 -1.92
N GLY D 12 -9.21 13.95 -1.64
CA GLY D 12 -9.77 14.96 -2.53
C GLY D 12 -11.09 14.50 -3.11
N PRO D 13 -11.70 15.36 -3.93
CA PRO D 13 -11.22 16.67 -4.37
C PRO D 13 -11.60 17.82 -3.48
N TRP D 14 -10.79 18.87 -3.55
CA TRP D 14 -11.13 20.13 -2.92
C TRP D 14 -11.40 21.11 -4.02
N GLY D 15 -12.50 21.88 -3.92
CA GLY D 15 -12.93 22.77 -4.98
C GLY D 15 -14.30 22.43 -5.50
N ALA D 16 -14.53 22.63 -6.81
CA ALA D 16 -15.83 22.40 -7.44
C ALA D 16 -16.16 20.90 -7.47
N LYS D 17 -17.46 20.54 -7.43
CA LYS D 17 -18.09 19.18 -7.58
C LYS D 17 -17.28 18.00 -8.14
N GLY E 1 -9.01 -30.69 1.88
CA GLY E 1 -8.78 -30.29 3.31
C GLY E 1 -9.70 -29.15 3.69
N LYS E 2 -9.59 -28.69 4.93
CA LYS E 2 -10.43 -27.58 5.46
C LYS E 2 -9.72 -26.22 5.16
N ALA E 3 -10.37 -25.36 4.42
CA ALA E 3 -9.79 -24.05 4.08
C ALA E 3 -9.69 -23.18 5.34
N PHE E 4 -8.61 -22.42 5.48
CA PHE E 4 -8.56 -21.41 6.52
C PHE E 4 -8.09 -20.08 5.93
N ASP E 5 -8.28 -18.97 6.66
CA ASP E 5 -7.81 -17.67 6.21
C ASP E 5 -7.76 -16.75 7.44
N ASP E 6 -6.57 -16.44 7.95
CA ASP E 6 -6.44 -15.56 9.09
C ASP E 6 -6.70 -14.12 8.82
N GLY E 7 -6.47 -13.70 7.58
CA GLY E 7 -6.52 -12.30 7.19
C GLY E 7 -5.22 -11.59 7.55
N ALA E 8 -5.22 -10.26 7.44
CA ALA E 8 -3.96 -9.53 7.51
C ALA E 8 -3.84 -8.91 8.92
N PHE E 9 -2.62 -8.76 9.44
CA PHE E 9 -2.40 -8.22 10.79
C PHE E 9 -1.25 -7.17 10.71
N THR E 10 -0.78 -6.63 11.83
CA THR E 10 0.35 -5.70 11.79
C THR E 10 1.72 -6.38 11.86
N GLY E 11 1.76 -7.69 12.20
CA GLY E 11 3.06 -8.45 12.17
C GLY E 11 2.95 -9.89 12.62
N ILE E 12 4.08 -10.59 12.77
CA ILE E 12 4.15 -11.97 13.35
C ILE E 12 4.98 -12.07 14.65
N ARG E 13 4.41 -12.65 15.68
CA ARG E 13 5.05 -12.83 16.95
C ARG E 13 5.51 -14.26 17.12
N GLU E 14 4.69 -15.22 16.67
CA GLU E 14 5.06 -16.57 16.90
C GLU E 14 4.36 -17.49 15.90
N ILE E 15 5.06 -18.55 15.55
CA ILE E 15 4.48 -19.59 14.69
C ILE E 15 4.55 -20.93 15.37
N ASN E 16 3.41 -21.61 15.40
CA ASN E 16 3.28 -22.91 16.02
C ASN E 16 2.84 -23.83 14.91
N LEU E 17 3.70 -24.77 14.53
CA LEU E 17 3.34 -25.72 13.50
C LEU E 17 3.65 -27.14 14.00
N SER E 18 3.26 -28.13 13.23
CA SER E 18 3.70 -29.49 13.51
C SER E 18 4.03 -30.18 12.20
N TYR E 19 4.90 -31.18 12.26
CA TYR E 19 5.34 -31.86 11.09
C TYR E 19 5.70 -33.31 11.44
N ASN E 20 5.67 -34.16 10.42
CA ASN E 20 6.10 -35.53 10.54
C ASN E 20 6.99 -35.73 9.36
N LYS E 21 8.26 -36.00 9.62
CA LYS E 21 9.27 -36.22 8.55
C LYS E 21 8.96 -37.44 7.59
N GLU E 22 8.06 -38.36 7.94
CA GLU E 22 7.65 -39.38 6.97
C GLU E 22 6.59 -38.87 6.01
N THR E 23 5.98 -37.73 6.35
CA THR E 23 4.82 -37.25 5.60
C THR E 23 4.93 -35.77 5.20
N ALA E 24 4.41 -34.87 6.03
CA ALA E 24 4.35 -33.47 5.63
C ALA E 24 4.09 -32.59 6.83
N ILE E 25 3.93 -31.27 6.56
CA ILE E 25 3.40 -30.33 7.56
C ILE E 25 1.97 -30.72 7.97
N GLY E 26 1.68 -30.59 9.26
CA GLY E 26 0.37 -30.93 9.82
C GLY E 26 -0.33 -29.65 10.32
N ASP E 27 -0.24 -29.38 11.63
CA ASP E 27 -0.92 -28.24 12.26
C ASP E 27 -0.21 -26.91 11.96
N PHE E 28 -0.93 -25.81 12.09
CA PHE E 28 -0.39 -24.51 11.78
C PHE E 28 -1.21 -23.49 12.49
N GLN E 29 -0.53 -22.67 13.30
CA GLN E 29 -1.17 -21.65 14.11
C GLN E 29 -0.19 -20.49 14.18
N VAL E 30 -0.70 -19.26 14.22
CA VAL E 30 0.14 -18.06 14.29
C VAL E 30 -0.38 -17.10 15.37
N VAL E 31 0.54 -16.59 16.17
CA VAL E 31 0.24 -15.48 17.07
C VAL E 31 0.69 -14.27 16.32
N TYR E 32 -0.27 -13.42 15.91
CA TYR E 32 0.08 -12.26 15.15
C TYR E 32 0.33 -11.08 16.08
N ASP E 33 0.80 -9.97 15.52
CA ASP E 33 0.64 -8.73 16.26
C ASP E 33 -0.57 -7.92 15.68
N LEU E 34 -1.37 -7.31 16.54
CA LEU E 34 -2.42 -6.49 16.06
C LEU E 34 -2.17 -5.16 16.77
N ASN E 35 -1.43 -4.25 16.14
CA ASN E 35 -1.26 -2.90 16.67
C ASN E 35 -0.64 -2.97 18.04
N GLY E 36 0.34 -3.86 18.19
CA GLY E 36 1.12 -3.92 19.41
C GLY E 36 0.62 -4.88 20.47
N SER E 37 -0.49 -5.55 20.23
CA SER E 37 -0.92 -6.66 21.08
C SER E 37 -0.81 -8.04 20.40
N PRO E 38 -0.47 -9.06 21.21
CA PRO E 38 -0.41 -10.39 20.71
C PRO E 38 -1.82 -10.77 20.33
N TYR E 39 -1.97 -11.38 19.17
CA TYR E 39 -3.25 -11.80 18.70
C TYR E 39 -3.14 -13.27 18.38
N VAL E 40 -3.82 -14.07 19.15
CA VAL E 40 -3.77 -15.51 18.98
C VAL E 40 -4.68 -15.99 17.85
N GLY E 41 -4.06 -16.30 16.69
CA GLY E 41 -4.72 -16.94 15.55
C GLY E 41 -5.37 -18.25 15.98
N GLN E 42 -6.43 -18.62 15.29
CA GLN E 42 -7.00 -19.95 15.55
C GLN E 42 -5.97 -21.01 15.12
N ASN E 43 -5.92 -22.08 15.91
CA ASN E 43 -5.18 -23.30 15.62
C ASN E 43 -5.84 -24.08 14.48
N HIS E 44 -5.24 -24.03 13.30
CA HIS E 44 -5.69 -24.83 12.17
C HIS E 44 -5.04 -26.18 12.26
N LYS E 45 -5.88 -27.23 12.30
CA LYS E 45 -5.44 -28.56 12.73
C LYS E 45 -5.61 -29.67 11.66
N SER E 46 -4.59 -30.52 11.58
CA SER E 46 -4.68 -31.74 10.82
C SER E 46 -5.85 -32.63 11.31
N PHE E 47 -6.41 -33.38 10.38
CA PHE E 47 -7.38 -34.40 10.67
C PHE E 47 -6.77 -35.61 11.40
N ILE E 48 -5.44 -35.72 11.45
CA ILE E 48 -4.76 -36.90 12.01
C ILE E 48 -3.76 -36.46 13.07
N THR E 49 -2.96 -37.37 13.62
CA THR E 49 -2.21 -37.01 14.81
C THR E 49 -0.75 -37.45 14.97
N GLY E 50 -0.07 -37.93 13.96
CA GLY E 50 1.27 -38.38 14.37
C GLY E 50 2.37 -37.31 14.46
N PHE E 51 2.03 -36.04 14.82
CA PHE E 51 2.99 -34.93 14.53
C PHE E 51 3.98 -34.42 15.61
N THR E 52 5.11 -33.85 15.16
CA THR E 52 6.07 -33.23 16.11
C THR E 52 5.78 -31.76 16.11
N PRO E 53 5.56 -31.16 17.29
CA PRO E 53 5.21 -29.72 17.38
C PRO E 53 6.45 -28.86 17.31
N VAL E 54 6.35 -27.69 16.68
CA VAL E 54 7.48 -26.74 16.56
C VAL E 54 6.95 -25.40 17.02
N LYS E 55 7.68 -24.67 17.87
CA LYS E 55 7.31 -23.30 18.23
C LYS E 55 8.40 -22.32 17.80
N ILE E 56 8.02 -21.37 16.94
CA ILE E 56 8.92 -20.36 16.47
C ILE E 56 8.52 -19.05 17.16
N SER E 57 9.21 -18.66 18.25
CA SER E 57 8.92 -17.37 18.95
C SER E 57 9.87 -16.26 18.56
N LEU E 58 9.38 -15.26 17.83
CA LEU E 58 10.27 -14.24 17.30
C LEU E 58 10.54 -13.16 18.34
N ASP E 59 11.66 -12.49 18.29
CA ASP E 59 11.85 -11.35 19.19
C ASP E 59 11.22 -10.09 18.55
N PHE E 60 9.89 -10.11 18.46
CA PHE E 60 9.08 -9.06 17.85
C PHE E 60 9.21 -7.77 18.66
N PRO E 61 9.31 -6.60 18.01
CA PRO E 61 9.31 -6.32 16.59
C PRO E 61 10.72 -6.29 15.95
N SER E 62 11.78 -6.62 16.69
CA SER E 62 13.15 -6.46 16.16
C SER E 62 13.49 -7.54 15.12
N GLU E 63 12.85 -8.69 15.30
CA GLU E 63 13.15 -9.83 14.49
C GLU E 63 11.87 -10.06 13.64
N TYR E 64 12.07 -10.20 12.33
CA TYR E 64 10.96 -10.46 11.40
C TYR E 64 11.46 -11.37 10.33
N ILE E 65 10.52 -12.11 9.77
CA ILE E 65 10.77 -13.07 8.73
C ILE E 65 11.20 -12.37 7.45
N MET E 66 12.32 -12.82 6.91
CA MET E 66 12.93 -12.34 5.66
C MET E 66 12.76 -13.34 4.46
N GLU E 67 12.52 -14.62 4.72
CA GLU E 67 12.37 -15.62 3.64
C GLU E 67 11.56 -16.79 4.16
N VAL E 68 10.65 -17.25 3.30
CA VAL E 68 9.84 -18.43 3.56
C VAL E 68 10.18 -19.39 2.44
N SER E 69 10.73 -20.54 2.81
CA SER E 69 10.97 -21.56 1.78
C SER E 69 10.38 -22.92 2.21
N GLY E 70 10.51 -23.92 1.36
CA GLY E 70 10.01 -25.22 1.72
C GLY E 70 9.82 -26.03 0.49
N TYR E 71 9.17 -27.17 0.62
CA TYR E 71 8.97 -28.07 -0.50
C TYR E 71 7.53 -28.55 -0.59
N THR E 72 7.09 -28.87 -1.80
CA THR E 72 5.74 -29.40 -1.98
C THR E 72 5.89 -30.76 -2.70
N GLY E 73 4.94 -31.66 -2.57
CA GLY E 73 5.10 -32.95 -3.25
C GLY E 73 3.98 -33.88 -2.91
N ASN E 74 4.16 -35.14 -3.30
CA ASN E 74 3.15 -36.14 -3.21
C ASN E 74 3.20 -36.99 -1.94
N VAL E 75 2.11 -36.97 -1.16
CA VAL E 75 1.99 -37.84 0.02
C VAL E 75 0.64 -38.55 -0.04
N SER E 76 0.68 -39.88 -0.11
CA SER E 76 -0.53 -40.67 -0.28
C SER E 76 -1.38 -40.22 -1.47
N GLY E 77 -0.72 -39.77 -2.53
CA GLY E 77 -1.48 -39.35 -3.71
C GLY E 77 -1.90 -37.88 -3.73
N TYR E 78 -1.66 -37.14 -2.64
CA TYR E 78 -1.97 -35.69 -2.62
C TYR E 78 -0.75 -34.81 -2.67
N VAL E 79 -0.87 -33.67 -3.38
CA VAL E 79 0.14 -32.58 -3.36
C VAL E 79 -0.04 -31.81 -2.07
N VAL E 80 1.03 -31.76 -1.28
CA VAL E 80 0.95 -31.17 0.03
C VAL E 80 2.27 -30.49 0.26
N VAL E 81 2.28 -29.65 1.30
CA VAL E 81 3.46 -28.93 1.72
C VAL E 81 4.23 -29.84 2.68
N ARG E 82 5.36 -30.35 2.21
CA ARG E 82 6.13 -31.33 2.94
C ARG E 82 7.07 -30.75 3.95
N SER E 83 7.56 -29.54 3.68
CA SER E 83 8.62 -28.93 4.48
C SER E 83 8.46 -27.42 4.45
N LEU E 84 8.84 -26.77 5.54
CA LEU E 84 8.80 -25.33 5.64
C LEU E 84 10.05 -24.87 6.39
N THR E 85 10.53 -23.67 6.01
CA THR E 85 11.71 -23.05 6.64
C THR E 85 11.34 -21.58 6.80
N PHE E 86 11.72 -20.94 7.88
CA PHE E 86 11.47 -19.53 8.04
C PHE E 86 12.82 -18.91 8.43
N LYS E 87 13.35 -18.06 7.55
CA LYS E 87 14.55 -17.33 7.89
C LYS E 87 14.18 -15.88 8.34
N THR E 88 14.70 -15.46 9.50
CA THR E 88 14.53 -14.04 9.87
C THR E 88 15.81 -13.23 9.78
N ASN E 89 15.73 -11.94 10.16
CA ASN E 89 16.91 -11.08 10.10
C ASN E 89 17.91 -11.52 11.17
N LYS E 90 17.52 -12.47 12.02
CA LYS E 90 18.41 -12.95 13.07
C LYS E 90 18.86 -14.40 12.90
N LYS E 91 17.94 -15.30 12.51
CA LYS E 91 18.17 -16.75 12.64
C LYS E 91 17.47 -17.42 11.48
N THR E 92 17.74 -18.69 11.31
CA THR E 92 16.95 -19.51 10.46
C THR E 92 16.24 -20.53 11.30
N TYR E 93 14.97 -20.79 11.02
CA TYR E 93 14.18 -21.74 11.77
C TYR E 93 13.79 -22.77 10.77
N GLY E 94 14.23 -24.01 10.93
CA GLY E 94 13.92 -25.06 9.95
C GLY E 94 15.15 -25.55 9.18
N PRO E 95 14.97 -26.44 8.19
CA PRO E 95 13.71 -27.02 7.63
C PRO E 95 12.88 -27.85 8.59
N TYR E 96 11.56 -27.65 8.56
CA TYR E 96 10.64 -28.52 9.27
C TYR E 96 9.93 -29.40 8.24
N GLY E 97 10.26 -30.67 8.31
CA GLY E 97 9.82 -31.65 7.30
C GLY E 97 10.92 -32.00 6.30
N VAL E 98 10.77 -33.10 5.54
CA VAL E 98 11.81 -33.57 4.62
C VAL E 98 11.93 -32.63 3.47
N THR E 99 13.16 -32.33 3.12
CA THR E 99 13.40 -31.41 2.06
C THR E 99 13.49 -32.17 0.73
N SER E 100 12.36 -32.81 0.35
CA SER E 100 12.25 -33.43 -0.98
C SER E 100 10.94 -33.06 -1.64
N GLY E 101 10.97 -33.01 -2.97
CA GLY E 101 9.82 -32.61 -3.80
C GLY E 101 10.13 -31.34 -4.60
N THR E 102 9.15 -30.49 -4.84
CA THR E 102 9.43 -29.33 -5.66
C THR E 102 9.68 -28.20 -4.65
N PRO E 103 10.87 -27.59 -4.67
CA PRO E 103 11.12 -26.50 -3.77
C PRO E 103 10.39 -25.23 -4.20
N PHE E 104 10.11 -24.37 -3.23
CA PHE E 104 9.62 -23.02 -3.47
C PHE E 104 10.34 -22.10 -2.48
N ASN E 105 10.41 -20.81 -2.79
CA ASN E 105 10.93 -19.85 -1.84
C ASN E 105 10.50 -18.41 -2.14
N LEU E 106 10.07 -17.72 -1.09
CA LEU E 106 9.77 -16.35 -1.14
C LEU E 106 10.74 -15.58 -0.25
N PRO E 107 11.83 -15.08 -0.82
CA PRO E 107 12.59 -14.05 -0.10
C PRO E 107 11.90 -12.67 -0.31
N ILE E 108 12.06 -11.78 0.65
CA ILE E 108 11.52 -10.45 0.60
C ILE E 108 12.69 -9.50 0.77
N GLU E 109 12.83 -8.57 -0.15
CA GLU E 109 13.76 -7.44 0.07
C GLU E 109 13.12 -6.29 0.84
N ASN E 110 11.85 -6.01 0.63
CA ASN E 110 11.20 -4.89 1.31
C ASN E 110 9.74 -5.27 1.56
N GLY E 111 9.34 -5.29 2.82
CA GLY E 111 7.95 -5.57 3.22
C GLY E 111 7.93 -6.66 4.30
N LEU E 112 6.74 -7.17 4.60
CA LEU E 112 6.51 -8.05 5.76
C LEU E 112 5.40 -9.03 5.44
N ILE E 113 5.53 -10.24 5.92
CA ILE E 113 4.40 -11.17 5.95
C ILE E 113 3.55 -10.73 7.08
N VAL E 114 2.25 -10.58 6.83
CA VAL E 114 1.37 -10.14 7.89
C VAL E 114 0.21 -11.04 8.02
N GLY E 115 0.24 -12.19 7.33
CA GLY E 115 -0.99 -12.97 7.19
C GLY E 115 -0.82 -14.28 6.47
N PHE E 116 -1.55 -15.29 6.94
CA PHE E 116 -1.54 -16.58 6.28
C PHE E 116 -2.98 -17.05 5.99
N LYS E 117 -3.12 -17.80 4.91
CA LYS E 117 -4.33 -18.47 4.60
C LYS E 117 -3.96 -19.72 3.81
N GLY E 118 -4.90 -20.65 3.69
CA GLY E 118 -4.67 -21.91 2.99
C GLY E 118 -5.72 -22.95 3.34
N SER E 119 -5.28 -24.18 3.42
CA SER E 119 -6.15 -25.35 3.64
C SER E 119 -5.34 -26.48 4.22
N ILE E 120 -5.95 -27.27 5.12
CA ILE E 120 -5.28 -28.39 5.77
C ILE E 120 -6.25 -29.59 5.81
N GLY E 121 -5.83 -30.75 5.27
CA GLY E 121 -6.54 -32.01 5.40
C GLY E 121 -5.84 -32.96 6.36
N TYR E 122 -5.29 -34.06 5.87
CA TYR E 122 -4.34 -34.81 6.69
C TYR E 122 -3.12 -33.91 6.93
N TRP E 123 -2.71 -33.20 5.87
CA TRP E 123 -1.54 -32.29 5.85
C TRP E 123 -1.84 -30.92 5.26
N LEU E 124 -0.91 -29.98 5.46
CA LEU E 124 -1.03 -28.64 4.83
C LEU E 124 -1.07 -28.90 3.30
N ASP E 125 -2.25 -28.74 2.71
CA ASP E 125 -2.46 -28.84 1.25
C ASP E 125 -1.74 -27.70 0.50
N TYR E 126 -2.05 -26.45 0.91
CA TYR E 126 -1.45 -25.23 0.31
C TYR E 126 -1.55 -24.06 1.26
N PHE E 127 -0.85 -22.97 0.96
CA PHE E 127 -0.99 -21.77 1.76
C PHE E 127 -0.60 -20.58 0.90
N SER E 128 -0.96 -19.40 1.38
CA SER E 128 -0.63 -18.19 0.74
C SER E 128 -0.28 -17.21 1.85
N MET E 129 0.44 -16.17 1.51
CA MET E 129 0.84 -15.16 2.50
C MET E 129 0.45 -13.70 2.10
N TYR E 130 -0.13 -12.99 3.06
CA TYR E 130 -0.35 -11.56 2.99
C TYR E 130 0.97 -10.78 3.21
N LEU E 131 1.16 -9.76 2.41
CA LEU E 131 2.41 -8.93 2.41
C LEU E 131 2.02 -7.46 2.56
N SER E 132 2.84 -6.73 3.28
CA SER E 132 2.56 -5.35 3.51
C SER E 132 3.87 -4.58 3.81
N LEU E 133 3.82 -3.28 3.53
CA LEU E 133 4.86 -2.39 3.99
C LEU E 133 4.71 -2.15 5.48
N SER F 3 -17.11 -1.49 -1.91
CA SER F 3 -16.73 -2.33 -0.68
C SER F 3 -15.86 -1.63 0.39
N GLY F 4 -16.22 -1.85 1.65
CA GLY F 4 -15.55 -1.30 2.80
C GLY F 4 -14.46 -2.15 3.42
N ILE F 5 -13.99 -3.19 2.72
CA ILE F 5 -12.94 -4.06 3.24
C ILE F 5 -11.57 -3.69 2.65
N SER F 6 -10.62 -3.33 3.53
CA SER F 6 -9.24 -3.05 3.18
C SER F 6 -8.65 -4.25 2.43
N GLN F 7 -7.65 -4.05 1.55
CA GLN F 7 -7.06 -5.19 0.91
C GLN F 7 -5.53 -5.17 0.96
N THR F 8 -4.90 -6.31 0.71
CA THR F 8 -3.43 -6.44 0.84
C THR F 8 -2.91 -7.28 -0.29
N VAL F 9 -1.64 -7.09 -0.61
CA VAL F 9 -0.92 -8.02 -1.49
C VAL F 9 -0.98 -9.45 -0.93
N ILE F 10 -1.32 -10.39 -1.78
CA ILE F 10 -1.28 -11.80 -1.42
C ILE F 10 -0.42 -12.57 -2.42
N VAL F 11 0.58 -13.26 -1.90
CA VAL F 11 1.38 -14.17 -2.72
C VAL F 11 0.99 -15.65 -2.45
N GLY F 12 1.14 -16.51 -3.46
CA GLY F 12 0.79 -17.91 -3.34
C GLY F 12 -0.39 -18.20 -4.22
N PRO F 13 -0.99 -19.40 -4.10
CA PRO F 13 -0.71 -20.59 -3.25
C PRO F 13 0.43 -21.42 -3.68
N TRP F 14 1.15 -21.99 -2.73
CA TRP F 14 2.09 -23.02 -3.00
C TRP F 14 1.52 -24.25 -2.39
N GLY F 15 1.49 -25.34 -3.17
CA GLY F 15 0.98 -26.62 -2.73
C GLY F 15 -0.04 -27.09 -3.72
N ALA F 16 -1.10 -27.75 -3.26
CA ALA F 16 -2.11 -28.25 -4.15
C ALA F 16 -2.89 -27.15 -4.89
N LYS F 17 -3.54 -27.50 -6.01
CA LYS F 17 -4.27 -26.58 -6.89
C LYS F 17 -5.17 -25.57 -6.12
N GLY G 1 28.18 -9.83 -12.52
CA GLY G 1 27.31 -8.98 -13.39
C GLY G 1 27.17 -7.51 -13.08
N LYS G 2 26.58 -6.77 -14.00
CA LYS G 2 26.20 -5.40 -13.75
C LYS G 2 24.84 -5.40 -13.05
N ALA G 3 24.78 -4.85 -11.83
CA ALA G 3 23.50 -4.54 -11.20
C ALA G 3 22.65 -3.61 -12.02
N PHE G 4 21.32 -3.87 -11.99
CA PHE G 4 20.36 -2.95 -12.53
C PHE G 4 19.14 -2.91 -11.58
N ASP G 5 18.39 -1.82 -11.71
CA ASP G 5 17.23 -1.58 -10.90
C ASP G 5 16.28 -0.58 -11.67
N ASP G 6 15.19 -1.06 -12.28
CA ASP G 6 14.25 -0.14 -12.97
C ASP G 6 13.47 0.74 -12.01
N GLY G 7 13.31 0.36 -10.76
CA GLY G 7 12.34 1.06 -9.93
C GLY G 7 10.90 0.57 -10.16
N ALA G 8 9.92 1.33 -9.66
CA ALA G 8 8.49 0.91 -9.64
C ALA G 8 7.71 1.78 -10.60
N PHE G 9 6.72 1.21 -11.28
CA PHE G 9 5.82 1.89 -12.21
C PHE G 9 4.38 1.48 -11.90
N THR G 10 3.49 1.60 -12.89
CA THR G 10 2.04 1.46 -12.69
C THR G 10 1.59 0.10 -13.22
N GLY G 11 2.47 -0.57 -13.95
CA GLY G 11 2.22 -1.93 -14.41
C GLY G 11 3.14 -2.30 -15.57
N ILE G 12 2.73 -3.29 -16.39
CA ILE G 12 3.66 -3.87 -17.38
C ILE G 12 2.88 -4.05 -18.66
N ARG G 13 3.38 -3.45 -19.73
CA ARG G 13 2.86 -3.57 -21.08
C ARG G 13 3.57 -4.62 -21.91
N GLU G 14 4.88 -4.74 -21.76
CA GLU G 14 5.63 -5.69 -22.62
C GLU G 14 6.93 -6.17 -21.93
N ILE G 15 7.25 -7.46 -22.07
CA ILE G 15 8.56 -7.92 -21.65
C ILE G 15 9.35 -8.41 -22.89
N ASN G 16 10.52 -7.82 -23.13
CA ASN G 16 11.43 -8.39 -24.09
C ASN G 16 12.58 -9.06 -23.38
N LEU G 17 12.82 -10.33 -23.69
CA LEU G 17 13.95 -11.07 -23.08
C LEU G 17 14.67 -11.93 -24.14
N SER G 18 15.86 -12.43 -23.82
CA SER G 18 16.48 -13.37 -24.74
C SER G 18 17.01 -14.57 -23.95
N TYR G 19 17.27 -15.67 -24.66
CA TYR G 19 17.69 -16.90 -23.98
C TYR G 19 18.48 -17.69 -24.97
N ASN G 20 19.25 -18.63 -24.44
CA ASN G 20 19.84 -19.65 -25.29
C ASN G 20 19.44 -21.01 -24.76
N LYS G 21 19.10 -21.96 -25.63
CA LYS G 21 18.58 -23.28 -25.18
C LYS G 21 19.70 -24.07 -24.45
N GLU G 22 20.95 -23.71 -24.71
CA GLU G 22 22.09 -24.44 -24.10
C GLU G 22 22.58 -23.80 -22.79
N THR G 23 22.34 -22.50 -22.61
CA THR G 23 22.89 -21.82 -21.44
C THR G 23 21.75 -21.24 -20.53
N ALA G 24 21.40 -19.97 -20.71
CA ALA G 24 20.37 -19.40 -19.84
C ALA G 24 19.73 -18.18 -20.48
N ILE G 25 18.99 -17.41 -19.68
CA ILE G 25 18.48 -16.07 -20.02
C ILE G 25 19.66 -15.11 -20.19
N GLY G 26 19.58 -14.36 -21.29
CA GLY G 26 20.60 -13.35 -21.61
C GLY G 26 20.16 -11.93 -21.29
N ASP G 27 19.29 -11.36 -22.08
CA ASP G 27 18.88 -9.97 -21.87
C ASP G 27 17.46 -9.88 -21.39
N PHE G 28 17.20 -8.84 -20.61
CA PHE G 28 15.86 -8.58 -20.12
C PHE G 28 15.55 -7.07 -20.22
N GLN G 29 14.36 -6.76 -20.73
CA GLN G 29 13.91 -5.40 -20.94
C GLN G 29 12.39 -5.29 -20.81
N VAL G 30 11.88 -4.20 -20.20
CA VAL G 30 10.42 -4.10 -19.90
C VAL G 30 9.84 -2.76 -20.38
N VAL G 31 8.76 -2.83 -21.18
CA VAL G 31 7.93 -1.66 -21.44
C VAL G 31 6.87 -1.57 -20.35
N TYR G 32 7.08 -0.66 -19.40
CA TYR G 32 6.12 -0.44 -18.30
C TYR G 32 4.90 0.37 -18.74
N ASP G 33 3.85 0.35 -17.93
CA ASP G 33 2.84 1.41 -18.09
C ASP G 33 3.24 2.40 -17.01
N LEU G 34 3.24 3.67 -17.35
CA LEU G 34 3.38 4.70 -16.32
C LEU G 34 2.18 5.64 -16.45
N ASN G 35 1.20 5.43 -15.56
CA ASN G 35 0.05 6.30 -15.47
C ASN G 35 -0.62 6.36 -16.83
N GLY G 36 -0.78 5.21 -17.46
CA GLY G 36 -1.47 5.17 -18.77
C GLY G 36 -0.64 5.34 -20.02
N SER G 37 0.63 5.75 -19.93
CA SER G 37 1.47 5.80 -21.10
C SER G 37 2.61 4.77 -21.07
N PRO G 38 3.01 4.23 -22.23
CA PRO G 38 4.21 3.39 -22.13
C PRO G 38 5.46 4.13 -21.60
N TYR G 39 6.26 3.37 -20.88
CA TYR G 39 7.56 3.84 -20.43
C TYR G 39 8.56 2.77 -20.83
N VAL G 40 9.47 3.14 -21.69
CA VAL G 40 10.48 2.14 -22.12
C VAL G 40 11.61 1.98 -21.09
N GLY G 41 11.64 0.86 -20.42
CA GLY G 41 12.70 0.65 -19.46
C GLY G 41 14.04 0.45 -20.16
N GLN G 42 15.11 0.47 -19.39
CA GLN G 42 16.43 0.28 -19.94
C GLN G 42 16.59 -1.15 -20.37
N ASN G 43 17.28 -1.34 -21.50
CA ASN G 43 17.59 -2.70 -21.96
C ASN G 43 18.83 -3.23 -21.17
N HIS G 44 18.67 -4.28 -20.36
CA HIS G 44 19.76 -4.83 -19.58
C HIS G 44 20.29 -5.98 -20.42
N LYS G 45 21.45 -5.73 -21.02
CA LYS G 45 22.00 -6.59 -22.03
C LYS G 45 23.08 -7.44 -21.39
N SER G 46 23.10 -8.70 -21.73
CA SER G 46 24.22 -9.55 -21.41
C SER G 46 25.59 -8.97 -21.90
N PHE G 47 26.68 -9.38 -21.25
CA PHE G 47 28.04 -9.11 -21.73
C PHE G 47 28.33 -9.74 -23.10
N ILE G 48 27.65 -10.85 -23.42
CA ILE G 48 27.70 -11.47 -24.72
C ILE G 48 26.45 -11.31 -25.58
N THR G 49 26.52 -11.77 -26.82
CA THR G 49 25.38 -11.75 -27.69
C THR G 49 25.21 -13.12 -28.37
N GLY G 50 24.12 -13.33 -29.10
CA GLY G 50 23.87 -14.63 -29.72
C GLY G 50 22.52 -15.18 -29.31
N PHE G 51 21.90 -14.53 -28.36
CA PHE G 51 20.72 -15.05 -27.73
C PHE G 51 19.52 -14.97 -28.67
N THR G 52 18.52 -15.81 -28.45
CA THR G 52 17.29 -15.71 -29.17
C THR G 52 16.38 -14.69 -28.50
N PRO G 53 15.93 -13.67 -29.24
CA PRO G 53 15.06 -12.65 -28.68
C PRO G 53 13.63 -13.16 -28.65
N VAL G 54 12.89 -12.69 -27.67
CA VAL G 54 11.49 -12.98 -27.44
C VAL G 54 10.74 -11.68 -27.09
N LYS G 55 9.62 -11.45 -27.76
CA LYS G 55 8.74 -10.36 -27.35
C LYS G 55 7.42 -10.84 -26.74
N ILE G 56 7.11 -10.34 -25.56
CA ILE G 56 5.96 -10.81 -24.79
C ILE G 56 5.10 -9.59 -24.69
N SER G 57 4.08 -9.45 -25.57
CA SER G 57 3.31 -8.22 -25.64
C SER G 57 1.95 -8.35 -24.94
N LEU G 58 1.76 -7.69 -23.82
CA LEU G 58 0.49 -7.93 -23.11
C LEU G 58 -0.64 -7.04 -23.62
N ASP G 59 -1.84 -7.61 -23.62
CA ASP G 59 -3.02 -6.82 -23.85
C ASP G 59 -3.40 -6.00 -22.53
N PHE G 60 -2.64 -4.95 -22.28
CA PHE G 60 -2.76 -4.06 -21.10
C PHE G 60 -3.88 -3.09 -21.34
N PRO G 61 -4.71 -2.80 -20.33
CA PRO G 61 -4.71 -3.27 -18.93
C PRO G 61 -5.45 -4.59 -18.63
N SER G 62 -6.10 -5.22 -19.62
CA SER G 62 -6.93 -6.38 -19.33
C SER G 62 -6.05 -7.59 -18.94
N GLU G 63 -4.85 -7.68 -19.50
CA GLU G 63 -3.96 -8.80 -19.26
C GLU G 63 -2.80 -8.37 -18.34
N TYR G 64 -2.54 -9.21 -17.35
CA TYR G 64 -1.48 -9.00 -16.38
C TYR G 64 -0.93 -10.35 -15.88
N ILE G 65 0.38 -10.34 -15.57
CA ILE G 65 1.15 -11.49 -15.06
C ILE G 65 0.57 -11.96 -13.75
N MET G 66 0.30 -13.26 -13.63
CA MET G 66 -0.23 -13.87 -12.41
C MET G 66 0.79 -14.72 -11.70
N GLU G 67 1.75 -15.17 -12.48
CA GLU G 67 2.76 -16.04 -11.97
C GLU G 67 4.02 -15.90 -12.81
N VAL G 68 5.14 -15.76 -12.14
CA VAL G 68 6.44 -15.76 -12.78
C VAL G 68 7.16 -16.96 -12.20
N SER G 69 7.81 -17.74 -13.03
CA SER G 69 8.49 -18.86 -12.51
C SER G 69 9.68 -19.13 -13.43
N GLY G 70 10.56 -20.02 -13.01
CA GLY G 70 11.73 -20.32 -13.82
C GLY G 70 12.59 -21.35 -13.10
N TYR G 71 13.83 -21.46 -13.59
CA TYR G 71 14.85 -22.30 -12.98
C TYR G 71 16.13 -21.52 -12.80
N THR G 72 16.79 -21.79 -11.67
CA THR G 72 18.16 -21.31 -11.47
C THR G 72 19.08 -22.49 -11.50
N GLY G 73 20.26 -22.26 -12.05
CA GLY G 73 21.25 -23.32 -12.06
C GLY G 73 22.60 -22.84 -12.46
N ASN G 74 23.52 -23.79 -12.45
CA ASN G 74 24.89 -23.54 -12.72
C ASN G 74 25.23 -23.52 -14.21
N VAL G 75 25.88 -22.46 -14.67
CA VAL G 75 26.42 -22.43 -16.02
C VAL G 75 27.86 -21.92 -15.94
N SER G 76 28.81 -22.66 -16.52
CA SER G 76 30.24 -22.26 -16.43
C SER G 76 30.69 -21.87 -15.02
N GLY G 77 30.10 -22.48 -14.00
CA GLY G 77 30.54 -22.26 -12.62
C GLY G 77 29.83 -21.10 -11.97
N TYR G 78 28.78 -20.62 -12.61
CA TYR G 78 28.02 -19.45 -12.16
C TYR G 78 26.54 -19.86 -11.99
N VAL G 79 25.97 -19.47 -10.87
CA VAL G 79 24.53 -19.70 -10.62
C VAL G 79 23.80 -18.59 -11.33
N VAL G 80 22.90 -18.94 -12.26
CA VAL G 80 22.25 -17.92 -13.06
C VAL G 80 20.78 -18.29 -13.21
N VAL G 81 19.97 -17.38 -13.78
CA VAL G 81 18.61 -17.73 -14.08
C VAL G 81 18.58 -18.48 -15.40
N ARG G 82 18.46 -19.80 -15.35
CA ARG G 82 18.49 -20.55 -16.61
C ARG G 82 17.21 -20.47 -17.46
N SER G 83 16.06 -20.33 -16.81
CA SER G 83 14.78 -20.33 -17.50
C SER G 83 13.74 -19.45 -16.81
N LEU G 84 12.77 -18.93 -17.59
CA LEU G 84 11.68 -18.03 -17.14
C LEU G 84 10.38 -18.34 -17.88
N THR G 85 9.26 -18.22 -17.14
CA THR G 85 7.91 -18.46 -17.67
C THR G 85 6.93 -17.44 -17.09
N PHE G 86 6.11 -16.84 -17.96
CA PHE G 86 5.25 -15.73 -17.50
C PHE G 86 3.83 -16.15 -17.74
N LYS G 87 3.12 -16.41 -16.66
CA LYS G 87 1.73 -16.82 -16.75
C LYS G 87 0.91 -15.56 -16.44
N THR G 88 0.11 -15.15 -17.40
CA THR G 88 -0.87 -14.10 -17.19
C THR G 88 -2.29 -14.68 -17.01
N ASN G 89 -3.26 -13.79 -16.83
CA ASN G 89 -4.65 -14.21 -16.62
C ASN G 89 -5.27 -14.73 -17.92
N LYS G 90 -4.51 -14.66 -19.02
CA LYS G 90 -4.98 -14.96 -20.39
C LYS G 90 -4.26 -16.17 -21.04
N LYS G 91 -2.93 -16.25 -20.88
CA LYS G 91 -2.00 -17.08 -21.65
C LYS G 91 -0.77 -17.46 -20.79
N THR G 92 0.03 -18.40 -21.28
CA THR G 92 1.32 -18.69 -20.65
C THR G 92 2.40 -18.46 -21.65
N TYR G 93 3.42 -17.69 -21.26
CA TYR G 93 4.50 -17.41 -22.14
C TYR G 93 5.76 -18.08 -21.62
N GLY G 94 6.25 -19.02 -22.42
CA GLY G 94 7.42 -19.80 -22.05
C GLY G 94 7.07 -21.24 -21.83
N PRO G 95 7.99 -22.04 -21.27
CA PRO G 95 9.25 -21.52 -20.72
C PRO G 95 10.23 -20.99 -21.81
N TYR G 96 11.08 -20.02 -21.48
CA TYR G 96 12.28 -19.71 -22.30
C TYR G 96 13.51 -20.09 -21.50
N GLY G 97 14.47 -20.76 -22.11
CA GLY G 97 15.67 -21.09 -21.36
C GLY G 97 15.79 -22.57 -21.31
N VAL G 98 16.61 -23.06 -20.38
CA VAL G 98 16.75 -24.48 -20.08
C VAL G 98 16.02 -24.71 -18.77
N THR G 99 15.13 -25.68 -18.73
CA THR G 99 14.43 -25.95 -17.47
C THR G 99 15.18 -27.00 -16.64
N SER G 100 16.41 -26.67 -16.24
CA SER G 100 17.25 -27.54 -15.47
C SER G 100 17.66 -26.77 -14.22
N GLY G 101 17.72 -27.46 -13.09
CA GLY G 101 18.25 -26.89 -11.86
C GLY G 101 17.17 -26.88 -10.79
N THR G 102 17.13 -25.81 -10.02
CA THR G 102 16.20 -25.65 -8.91
C THR G 102 15.06 -24.78 -9.39
N PRO G 103 13.80 -25.26 -9.33
CA PRO G 103 12.71 -24.33 -9.69
C PRO G 103 12.45 -23.20 -8.66
N PHE G 104 11.94 -22.05 -9.11
CA PHE G 104 11.29 -21.08 -8.25
C PHE G 104 9.94 -20.66 -8.88
N ASN G 105 8.99 -20.21 -8.07
CA ASN G 105 7.80 -19.63 -8.66
C ASN G 105 7.14 -18.62 -7.74
N LEU G 106 6.62 -17.55 -8.31
CA LEU G 106 5.90 -16.50 -7.57
C LEU G 106 4.55 -16.37 -8.22
N PRO G 107 3.55 -17.03 -7.63
CA PRO G 107 2.14 -16.80 -7.99
C PRO G 107 1.63 -15.67 -7.15
N ILE G 108 0.77 -14.84 -7.74
CA ILE G 108 0.25 -13.68 -7.09
C ILE G 108 -1.22 -13.88 -7.09
N GLU G 109 -1.79 -13.86 -5.89
CA GLU G 109 -3.24 -13.97 -5.71
C GLU G 109 -3.94 -12.59 -5.79
N ASN G 110 -3.23 -11.53 -5.44
CA ASN G 110 -3.77 -10.17 -5.42
C ASN G 110 -2.58 -9.19 -5.47
N GLY G 111 -2.63 -8.20 -6.35
CA GLY G 111 -1.43 -7.41 -6.55
C GLY G 111 -0.91 -7.62 -7.95
N LEU G 112 0.10 -6.80 -8.28
CA LEU G 112 0.74 -6.70 -9.56
C LEU G 112 2.22 -6.58 -9.32
N ILE G 113 2.97 -7.10 -10.27
CA ILE G 113 4.32 -6.80 -10.46
C ILE G 113 4.44 -5.43 -11.18
N VAL G 114 5.27 -4.54 -10.65
CA VAL G 114 5.36 -3.18 -11.17
C VAL G 114 6.82 -2.74 -11.44
N GLY G 115 7.74 -3.66 -11.35
CA GLY G 115 9.15 -3.36 -11.58
C GLY G 115 10.02 -4.57 -11.29
N PHE G 116 11.24 -4.45 -11.78
CA PHE G 116 12.19 -5.47 -11.80
C PHE G 116 13.53 -4.81 -11.39
N LYS G 117 14.34 -5.55 -10.66
CA LYS G 117 15.76 -5.24 -10.50
C LYS G 117 16.51 -6.59 -10.52
N GLY G 118 17.83 -6.52 -10.64
CA GLY G 118 18.65 -7.72 -10.70
C GLY G 118 20.05 -7.40 -11.14
N SER G 119 20.66 -8.33 -11.87
CA SER G 119 22.02 -8.17 -12.31
C SER G 119 22.23 -9.10 -13.52
N ILE G 120 23.00 -8.64 -14.52
CA ILE G 120 23.33 -9.46 -15.68
C ILE G 120 24.84 -9.44 -15.92
N GLY G 121 25.40 -10.62 -16.17
CA GLY G 121 26.82 -10.81 -16.58
C GLY G 121 26.85 -11.41 -17.97
N TYR G 122 27.31 -12.66 -18.12
CA TYR G 122 26.99 -13.40 -19.36
C TYR G 122 25.48 -13.76 -19.43
N TRP G 123 24.85 -13.89 -18.25
CA TRP G 123 23.49 -14.38 -18.13
C TRP G 123 22.93 -13.63 -16.98
N LEU G 124 21.62 -13.60 -16.96
CA LEU G 124 20.89 -13.07 -15.81
C LEU G 124 21.25 -13.82 -14.49
N ASP G 125 21.98 -13.11 -13.61
CA ASP G 125 22.48 -13.70 -12.34
C ASP G 125 21.38 -13.89 -11.30
N TYR G 126 20.55 -12.88 -11.09
CA TYR G 126 19.42 -12.99 -10.18
C TYR G 126 18.52 -11.83 -10.53
N PHE G 127 17.27 -11.82 -10.03
CA PHE G 127 16.30 -10.67 -10.20
C PHE G 127 15.30 -10.59 -9.05
N SER G 128 14.73 -9.42 -8.78
CA SER G 128 13.67 -9.27 -7.81
C SER G 128 12.52 -8.51 -8.46
N MET G 129 11.33 -8.62 -7.83
CA MET G 129 10.16 -7.92 -8.38
C MET G 129 9.49 -6.91 -7.37
N TYR G 130 9.08 -5.78 -7.88
CA TYR G 130 8.40 -4.80 -7.05
C TYR G 130 6.94 -5.17 -7.12
N LEU G 131 6.30 -5.30 -5.95
CA LEU G 131 4.89 -5.66 -5.95
C LEU G 131 4.06 -4.50 -5.47
N SER G 132 2.93 -4.29 -6.10
CA SER G 132 2.02 -3.27 -5.64
C SER G 132 0.62 -3.72 -5.88
N LEU G 133 -0.31 -3.10 -5.14
CA LEU G 133 -1.77 -3.14 -5.40
C LEU G 133 -2.20 -2.17 -6.50
N SER H 3 12.05 10.36 4.71
CA SER H 3 12.55 10.89 3.41
C SER H 3 11.39 10.98 2.43
N GLY H 4 11.65 11.65 1.32
CA GLY H 4 10.63 11.97 0.37
C GLY H 4 10.44 10.89 -0.67
N ILE H 5 10.97 9.70 -0.45
CA ILE H 5 11.02 8.76 -1.53
C ILE H 5 10.03 7.67 -1.15
N SER H 6 9.02 7.53 -1.97
CA SER H 6 7.99 6.52 -1.81
C SER H 6 8.58 5.11 -1.77
N GLN H 7 7.90 4.18 -1.08
CA GLN H 7 8.38 2.79 -0.85
C GLN H 7 7.43 1.74 -1.41
N THR H 8 7.99 0.64 -1.87
CA THR H 8 7.22 -0.45 -2.49
C THR H 8 7.67 -1.76 -1.91
N VAL H 9 6.77 -2.72 -1.84
CA VAL H 9 7.18 -4.08 -1.50
C VAL H 9 8.15 -4.58 -2.58
N ILE H 10 9.19 -5.30 -2.16
CA ILE H 10 10.09 -5.97 -3.11
C ILE H 10 10.26 -7.40 -2.59
N VAL H 11 10.06 -8.36 -3.49
CA VAL H 11 10.29 -9.78 -3.21
C VAL H 11 11.37 -10.26 -4.19
N GLY H 12 12.12 -11.27 -3.79
CA GLY H 12 13.36 -11.66 -4.50
C GLY H 12 14.53 -11.49 -3.53
N PRO H 13 15.77 -11.84 -3.95
CA PRO H 13 16.08 -12.21 -5.33
C PRO H 13 16.07 -13.69 -5.55
N TRP H 14 15.81 -14.07 -6.80
CA TRP H 14 15.93 -15.47 -7.22
C TRP H 14 17.09 -15.54 -8.15
N GLY H 15 17.87 -16.62 -8.05
CA GLY H 15 19.17 -16.85 -8.73
C GLY H 15 20.38 -16.77 -7.77
N ALA H 16 21.50 -16.28 -8.28
CA ALA H 16 22.73 -16.23 -7.50
C ALA H 16 22.67 -15.30 -6.30
N LYS H 17 23.52 -15.60 -5.32
CA LYS H 17 24.03 -14.61 -4.34
C LYS H 17 24.59 -13.37 -5.12
O5 A2G I . -9.56 19.68 28.30
C1 A2G I . -8.88 19.77 29.49
C2 A2G I . -7.48 19.29 29.25
N2 A2G I . -6.75 19.61 30.43
C3 A2G I . -6.78 20.12 28.14
O3 A2G I . -5.47 19.60 27.96
C4 A2G I . -7.60 19.99 26.86
O4 A2G I . -7.60 18.60 26.55
C5 A2G I . -9.01 20.53 27.23
C6 A2G I . -9.93 20.50 26.02
O6 A2G I . -10.59 19.21 25.88
C7 A2G I . -5.86 18.83 30.98
O7 A2G I . -5.23 19.25 32.08
C8 A2G I . -5.51 17.42 30.43
C1 GAL I . -4.54 20.65 27.53
C2 GAL I . -3.15 20.12 27.73
C3 GAL I . -2.09 20.99 27.08
C4 GAL I . -2.44 21.26 25.62
C5 GAL I . -3.97 21.71 25.45
C6 GAL I . -4.42 21.65 24.02
O2 GAL I . -2.97 20.01 29.13
O3 GAL I . -0.82 20.22 27.06
O4 GAL I . -2.24 20.06 24.85
O5 GAL I . -4.84 20.78 26.16
O6 GAL I . -5.49 22.61 23.80
O5 A2G J . -13.48 28.47 -15.90
C1 A2G J . -14.15 28.34 -17.29
C2 A2G J . -14.56 26.91 -17.54
N2 A2G J . -15.42 26.82 -18.72
C3 A2G J . -15.40 26.41 -16.37
O3 A2G J . -15.74 25.04 -16.66
C4 A2G J . -14.52 26.51 -15.09
O4 A2G J . -13.32 25.78 -15.30
C5 A2G J . -14.26 28.00 -14.82
C6 A2G J . -13.46 28.35 -13.55
O6 A2G J . -12.02 28.18 -13.76
C7 A2G J . -15.24 26.02 -19.75
O7 A2G J . -16.11 25.99 -20.81
C8 A2G J . -14.11 25.06 -19.77
C1 GAL J . -16.99 24.65 -16.14
C2 GAL J . -17.41 23.32 -16.70
C3 GAL J . -18.73 22.91 -16.04
C4 GAL J . -18.53 22.83 -14.55
C5 GAL J . -18.00 24.16 -14.02
C6 GAL J . -17.23 23.91 -12.71
O2 GAL J . -17.61 23.59 -18.05
O3 GAL J . -19.19 21.64 -16.59
O4 GAL J . -17.49 21.91 -14.34
O5 GAL J . -16.75 24.51 -14.73
O6 GAL J . -17.71 24.77 -11.68
O5 A2G K . -6.10 -34.83 3.03
C1 A2G K . -7.26 -35.67 2.92
C2 A2G K . -8.30 -34.74 2.42
N2 A2G K . -9.45 -35.55 2.17
C3 A2G K . -7.88 -34.14 1.03
O3 A2G K . -8.84 -33.20 0.62
C4 A2G K . -6.51 -33.48 1.12
O4 A2G K . -6.67 -32.19 1.88
C5 A2G K . -5.56 -34.49 1.75
C6 A2G K . -4.13 -33.97 2.04
O6 A2G K . -4.14 -33.18 3.25
C7 A2G K . -10.66 -35.23 2.63
O7 A2G K . -11.73 -36.02 2.41
C8 A2G K . -10.91 -33.91 3.36
C1 GAL K . -8.95 -33.35 -0.86
C2 GAL K . -10.25 -32.70 -1.34
C3 GAL K . -10.30 -32.56 -2.89
C4 GAL K . -9.06 -31.85 -3.37
C5 GAL K . -7.79 -32.55 -2.89
C6 GAL K . -6.54 -31.72 -3.27
O2 GAL K . -11.41 -33.39 -0.83
O3 GAL K . -11.34 -31.69 -3.19
O4 GAL K . -9.13 -30.55 -2.82
O5 GAL K . -7.81 -32.64 -1.47
O6 GAL K . -5.29 -32.41 -2.97
O5 A2G L . 28.98 -13.77 -16.01
C1 A2G L . 30.37 -13.29 -15.85
C2 A2G L . 30.41 -12.40 -14.65
N2 A2G L . 31.78 -11.93 -14.44
C3 A2G L . 30.03 -13.14 -13.42
O3 A2G L . 30.11 -12.15 -12.39
C4 A2G L . 28.66 -13.70 -13.60
O4 A2G L . 27.80 -12.52 -13.71
C5 A2G L . 28.62 -14.57 -14.87
C6 A2G L . 27.26 -15.21 -15.23
O6 A2G L . 26.36 -14.18 -15.76
C7 A2G L . 32.15 -10.67 -14.23
O7 A2G L . 33.44 -10.30 -14.03
C8 A2G L . 31.12 -9.56 -14.14
C1 GAL L . 30.53 -12.62 -11.11
C2 GAL L . 30.93 -11.48 -10.22
C3 GAL L . 31.28 -11.97 -8.84
C4 GAL L . 30.18 -12.89 -8.27
C5 GAL L . 29.59 -13.85 -9.25
C6 GAL L . 28.15 -14.10 -8.78
O2 GAL L . 32.13 -10.93 -10.67
O3 GAL L . 31.37 -10.84 -7.97
O4 GAL L . 29.13 -12.02 -7.96
O5 GAL L . 29.35 -13.20 -10.56
O6 GAL L . 27.74 -15.37 -9.30
C1 EDO M . -11.38 9.30 31.20
O1 EDO M . -12.32 10.37 31.24
C2 EDO M . -10.39 9.78 30.16
O2 EDO M . -9.64 8.65 29.72
C1 EDO N . -25.94 18.51 16.82
O1 EDO N . -25.44 19.41 15.83
C2 EDO N . -26.90 17.53 16.14
O2 EDO N . -28.13 17.52 16.88
C1 EDO O . -27.99 2.92 8.94
O1 EDO O . -27.32 4.06 9.55
C2 EDO O . -26.99 2.16 8.06
O2 EDO O . -27.36 2.47 6.71
C1 NPO P . -12.02 23.32 31.57
C2 NPO P . -12.14 22.74 30.28
C3 NPO P . -11.07 22.01 29.76
C4 NPO P . -9.87 21.84 30.48
C5 NPO P . -9.74 22.45 31.74
C6 NPO P . -10.82 23.19 32.26
OH NPO P . -8.78 21.16 29.93
N1 NPO P . -13.10 24.01 32.12
O2 NPO P . -12.91 24.80 33.19
O3 NPO P . -14.48 23.90 31.54
C1 NPO Q . -15.67 33.10 -17.68
C2 NPO Q . -16.19 32.30 -18.70
C3 NPO Q . -16.07 30.92 -18.54
C4 NPO Q . -15.41 30.36 -17.42
C5 NPO Q . -14.91 31.18 -16.44
C6 NPO Q . -15.00 32.56 -16.57
OH NPO Q . -15.35 29.01 -17.27
N1 NPO Q . -15.70 34.44 -17.82
O2 NPO Q . -15.22 35.33 -16.78
O3 NPO Q . -15.99 34.98 -19.37
C1 EDO R . -15.71 32.38 -1.60
O1 EDO R . -17.04 32.32 -2.07
C2 EDO R . -14.85 33.33 -2.41
O2 EDO R . -14.01 33.86 -1.39
C1 EDO S . 12.93 29.09 -6.11
O1 EDO S . 12.02 30.17 -6.38
C2 EDO S . 13.28 28.50 -7.47
O2 EDO S . 14.35 27.55 -7.43
C1 EDO T . 14.95 18.60 -11.42
O1 EDO T . 14.19 19.48 -10.56
C2 EDO T . 16.43 18.55 -11.03
O2 EDO T . 16.45 18.23 -9.63
C1 EDO U . 18.86 15.32 -7.08
O1 EDO U . 18.31 14.75 -5.87
C2 EDO U . 18.60 14.32 -8.22
O2 EDO U . 19.71 14.28 -9.12
C1 PEG V . -12.29 -31.41 1.32
O1 PEG V . -11.89 -31.39 2.71
C2 PEG V . -13.28 -30.27 0.95
O2 PEG V . -12.56 -29.36 0.05
C3 PEG V . -13.31 -28.46 -0.81
C4 PEG V . -13.34 -29.01 -2.26
O4 PEG V . -12.02 -29.48 -2.70
C1 EDO W . 1.33 -27.68 17.69
O1 EDO W . 0.20 -27.86 16.87
C2 EDO W . 2.11 -26.54 17.06
O2 EDO W . 3.38 -26.55 17.71
C1 EDO X . 4.15 -3.14 20.44
O1 EDO X . 4.34 -3.62 21.76
C2 EDO X . 5.28 -3.81 19.69
O2 EDO X . 5.56 -3.03 18.54
C1 NPO Y . -5.56 -40.45 3.06
C2 NPO Y . -6.92 -40.42 2.69
C3 NPO Y . -7.44 -39.16 2.30
C4 NPO Y . -6.65 -37.98 2.31
C5 NPO Y . -5.32 -38.03 2.67
C6 NPO Y . -4.82 -39.24 3.04
OH NPO Y . -7.14 -36.76 1.92
N1 NPO Y . -4.85 -41.56 3.46
O2 NPO Y . -5.31 -42.42 4.53
O3 NPO Y . -3.56 -41.80 2.95
C1 EDO Z . 3.84 -25.22 -5.42
O1 EDO Z . 2.60 -25.67 -5.91
C2 EDO Z . 4.92 -25.49 -6.46
O2 EDO Z . 5.62 -24.27 -6.38
C1 EDO AA . -4.57 -6.54 -9.61
O1 EDO AA . -5.46 -7.22 -10.49
C2 EDO AA . -4.90 -7.13 -8.25
O2 EDO AA . -4.41 -8.48 -8.39
C1 NPO BA . 32.55 -17.09 -18.61
C2 NPO BA . 31.22 -17.16 -18.13
C3 NPO BA . 30.83 -16.23 -17.17
C4 NPO BA . 31.72 -15.28 -16.66
C5 NPO BA . 33.04 -15.26 -17.15
C6 NPO BA . 33.46 -16.14 -18.12
OH NPO BA . 31.33 -14.41 -15.61
N1 NPO BA . 32.88 -17.97 -19.55
O2 NPO BA . 34.17 -17.86 -20.22
O3 NPO BA . 31.90 -18.96 -19.92
C1 EDO CA . 16.65 -18.43 -6.14
O1 EDO CA . 17.90 -18.01 -5.62
C2 EDO CA . 16.48 -19.82 -5.56
O2 EDO CA . 15.10 -20.07 -5.74
#